data_9IND
#
_entry.id   9IND
#
_cell.length_a   1.00
_cell.length_b   1.00
_cell.length_c   1.00
_cell.angle_alpha   90.00
_cell.angle_beta   90.00
_cell.angle_gamma   90.00
#
_symmetry.space_group_name_H-M   'P 1'
#
loop_
_entity.id
_entity.type
_entity.pdbx_description
1 polymer 'Integrin alpha-V heavy chain'
2 polymer 'The heavy chain of 130H2-Fab'
3 polymer 'The light chain of 130H2-Fab'
4 polymer 'Integrin beta-8'
5 branched alpha-D-mannopyranose-(1-3)-[alpha-D-mannopyranose-(1-6)]beta-D-mannopyranose-(1-4)-2-acetamido-2-deoxy-beta-D-glucopyranose-(1-4)-2-acetamido-2-deoxy-beta-D-glucopyranose
6 non-polymer 2-acetamido-2-deoxy-beta-D-glucopyranose
#
loop_
_entity_poly.entity_id
_entity_poly.type
_entity_poly.pdbx_seq_one_letter_code
_entity_poly.pdbx_strand_id
1 'polypeptide(L)'
;FNLDVDSPAEYSGPEGSYFGFAVDFFVPSASSRMFLLVGAPKANTTQPGIVEGGQVLKCDWSSTRRCQPIEFDATGNRDY
AKDDPLEFKSHQWFGASVRSKQDKILACAPLYHWRTEMKQEREPVGTCFLQDGTKTVEYAPCRSQDIDADGQGFCQGGFS
IDFTKADRVLLGGPGSFYWQGQLISDQVAEIVSKYDPNVYSIKYNNQLATRTAQAIFDDSYLGYSVAVGDFNGDGIDDFV
SGVPRAARTLGMVYIYDGKNMSSLYNFTGEQMAAYFGFSVAATDINGDDYADVFIGAPLFMDRGSDGKLQEVGQVSVSLQ
RASGDFQTTKLNGFEVFARFGSAIAPLGDLDQDGFNDIAIAAPYGGEDKKGIVYIFNGRSTGLNAVPSQILEGQWAARSM
PPSFGYSMKGATDIDKNGWPDLIVGAFGVDRAILYRARPV
;
A
2 'polypeptide(L)'
;EVQLVQSGAEVKKPGASVKVSCKASGYTFTNYGINWVRQAPGQGLEWMGYFYIGNGYTEYNEKFKGRVTMTSDTSTSTVY
MELSSLRSEDTAVYYCALNYFGSRKFDYWGQGTTVTVSS
;
H
3 'polypeptide(L)'
;EIVLTQSPATLSLSPGERATLSCRASQNIITNLHWYQQKPGQAPRLLIKYASQSISGIPARFSGSGSGTDFTLTISSLEP
EDFAVYFCQQSDDWPLTFGQGTKL
;
L
4 'polypeptide(L)'
;NEINTQVTPGEVSIQLRPGAEANFMLKVHPLKKYPVDLYYLVDVSASMHNNIEKLNSVGNDLSRKMAFFSRDFRLGFGSY
VDKTVSPYISIHPERIHNQCSDYNLDCMPPHGYIHVLSLTENITEFEKAVHRQKISGNIDTPEGGFDAMLQAAVCESHIG
WRKEAKRLLLVMTDQTSHLALDSKLAGIVVPNDGNCHLKNNVYVKSTTMEHPSLGQLSEKLIDNNINVIFAVQGKQFHWY
KDLLPLLPGTIAGEIESKAANLNNLVVEAYQKLISEVKVQVENQVQGIYFNITAICPDGSRKPGMEGCRNVTSNDEVLFN
VTVTMKKCDVTGGKNYAIIKPIGFNETAKIHI
;
B
#
# COMPACT_ATOMS: atom_id res chain seq x y z
N PHE A 1 -21.88 -23.09 -25.09
CA PHE A 1 -23.03 -22.75 -25.92
C PHE A 1 -24.29 -23.45 -25.43
N ASN A 2 -24.13 -24.56 -24.71
CA ASN A 2 -25.24 -25.38 -24.26
C ASN A 2 -25.67 -25.07 -22.83
N LEU A 3 -25.29 -23.94 -22.28
CA LEU A 3 -25.74 -23.59 -20.94
C LEU A 3 -27.09 -22.90 -21.01
N ASP A 4 -27.90 -23.10 -19.99
CA ASP A 4 -29.25 -22.54 -19.93
C ASP A 4 -29.18 -21.16 -19.33
N VAL A 5 -29.85 -20.21 -19.95
CA VAL A 5 -29.79 -18.81 -19.54
C VAL A 5 -31.18 -18.36 -19.08
N ASP A 6 -32.22 -18.94 -19.66
CA ASP A 6 -33.56 -18.44 -19.44
C ASP A 6 -34.11 -18.81 -18.07
N SER A 7 -33.59 -19.85 -17.43
CA SER A 7 -33.98 -20.20 -16.07
C SER A 7 -32.82 -20.86 -15.34
N PRO A 8 -31.95 -20.07 -14.72
CA PRO A 8 -30.94 -20.62 -13.82
C PRO A 8 -31.40 -20.53 -12.37
N ALA A 9 -30.58 -21.10 -11.49
CA ALA A 9 -30.92 -21.21 -10.08
C ALA A 9 -30.30 -20.05 -9.29
N GLU A 10 -31.11 -19.06 -8.97
CA GLU A 10 -30.67 -17.91 -8.18
C GLU A 10 -30.69 -18.24 -6.70
N TYR A 11 -29.53 -18.16 -6.07
CA TYR A 11 -29.41 -18.36 -4.64
C TYR A 11 -28.97 -17.06 -3.99
N SER A 12 -29.52 -16.75 -2.82
CA SER A 12 -29.29 -15.48 -2.16
C SER A 12 -28.73 -15.70 -0.77
N GLY A 13 -28.14 -14.65 -0.21
CA GLY A 13 -27.53 -14.75 1.09
C GLY A 13 -27.86 -13.56 1.97
N PRO A 14 -27.18 -13.47 3.12
CA PRO A 14 -27.35 -12.29 3.98
C PRO A 14 -26.77 -11.06 3.32
N GLU A 15 -27.36 -9.90 3.62
CA GLU A 15 -26.96 -8.68 2.95
C GLU A 15 -25.61 -8.21 3.47
N GLY A 16 -24.72 -7.87 2.54
CA GLY A 16 -23.41 -7.41 2.89
C GLY A 16 -22.49 -8.48 3.41
N SER A 17 -22.81 -9.75 3.18
CA SER A 17 -22.07 -10.85 3.77
C SER A 17 -21.02 -11.44 2.86
N TYR A 18 -20.95 -10.96 1.61
CA TYR A 18 -20.12 -11.52 0.53
C TYR A 18 -20.48 -12.97 0.24
N PHE A 19 -21.76 -13.23 0.04
CA PHE A 19 -22.25 -14.56 -0.32
C PHE A 19 -21.85 -14.84 -1.75
N GLY A 20 -20.83 -15.68 -1.93
CA GLY A 20 -20.43 -16.00 -3.27
C GLY A 20 -18.99 -15.62 -3.52
N PHE A 21 -18.25 -15.34 -2.47
CA PHE A 21 -16.85 -15.06 -2.62
C PHE A 21 -16.09 -16.32 -2.99
N ALA A 22 -16.59 -17.47 -2.57
CA ALA A 22 -16.07 -18.76 -2.95
C ALA A 22 -17.23 -19.71 -3.13
N VAL A 23 -17.21 -20.50 -4.21
CA VAL A 23 -18.23 -21.50 -4.46
C VAL A 23 -17.56 -22.85 -4.74
N ASP A 24 -18.26 -23.92 -4.37
CA ASP A 24 -17.84 -25.27 -4.72
C ASP A 24 -19.08 -26.17 -4.68
N PHE A 25 -18.90 -27.41 -5.11
CA PHE A 25 -19.94 -28.44 -5.08
C PHE A 25 -19.70 -29.36 -3.91
N PHE A 26 -20.76 -29.80 -3.25
CA PHE A 26 -20.66 -30.87 -2.26
C PHE A 26 -21.56 -32.01 -2.71
N VAL A 27 -20.93 -33.06 -3.19
CA VAL A 27 -21.59 -34.33 -3.51
C VAL A 27 -21.01 -35.34 -2.54
N PRO A 28 -21.76 -35.79 -1.54
CA PRO A 28 -21.21 -36.74 -0.57
C PRO A 28 -20.95 -38.11 -1.18
N SER A 29 -20.40 -39.00 -0.35
CA SER A 29 -20.05 -40.33 -0.82
C SER A 29 -21.29 -41.20 -1.02
N ALA A 30 -22.06 -41.40 0.05
CA ALA A 30 -23.19 -42.33 0.01
C ALA A 30 -24.46 -41.65 0.52
N SER A 31 -24.73 -40.45 0.02
CA SER A 31 -25.93 -39.72 0.42
C SER A 31 -26.91 -39.52 -0.73
N SER A 32 -26.41 -39.49 -1.97
CA SER A 32 -27.21 -39.31 -3.20
C SER A 32 -28.00 -38.01 -3.21
N ARG A 33 -27.55 -37.00 -2.49
CA ARG A 33 -28.02 -35.63 -2.66
C ARG A 33 -26.83 -34.81 -3.13
N MET A 34 -27.09 -33.65 -3.72
CA MET A 34 -26.02 -32.80 -4.21
C MET A 34 -26.24 -31.37 -3.76
N PHE A 35 -25.17 -30.75 -3.27
CA PHE A 35 -25.25 -29.45 -2.65
C PHE A 35 -24.22 -28.52 -3.26
N LEU A 36 -24.55 -27.25 -3.26
CA LEU A 36 -23.64 -26.17 -3.60
C LEU A 36 -23.10 -25.57 -2.31
N LEU A 37 -21.79 -25.38 -2.27
CA LEU A 37 -21.12 -24.77 -1.13
C LEU A 37 -20.81 -23.33 -1.49
N VAL A 38 -20.96 -22.45 -0.52
CA VAL A 38 -20.83 -21.01 -0.72
C VAL A 38 -20.19 -20.41 0.52
N GLY A 39 -19.18 -19.59 0.33
CA GLY A 39 -18.56 -18.89 1.42
C GLY A 39 -19.07 -17.47 1.51
N ALA A 40 -19.41 -17.05 2.72
CA ALA A 40 -19.76 -15.67 3.01
C ALA A 40 -18.82 -15.21 4.10
N PRO A 41 -17.63 -14.72 3.74
CA PRO A 41 -16.56 -14.55 4.73
C PRO A 41 -16.76 -13.39 5.68
N LYS A 42 -17.76 -12.55 5.44
CA LYS A 42 -18.11 -11.41 6.27
C LYS A 42 -19.52 -11.54 6.83
N ALA A 43 -19.98 -12.76 7.06
CA ALA A 43 -21.31 -12.98 7.58
C ALA A 43 -21.26 -13.13 9.08
N ASN A 44 -22.19 -12.46 9.77
CA ASN A 44 -22.27 -12.55 11.22
C ASN A 44 -22.74 -13.92 11.64
N THR A 45 -21.91 -14.60 12.43
CA THR A 45 -22.24 -15.89 13.01
C THR A 45 -22.76 -15.67 14.42
N THR A 46 -23.19 -16.75 15.05
CA THR A 46 -23.67 -16.70 16.42
C THR A 46 -22.59 -17.00 17.43
N GLN A 47 -21.34 -16.91 17.03
CA GLN A 47 -20.24 -17.18 17.92
C GLN A 47 -20.11 -16.06 18.95
N PRO A 48 -19.77 -16.38 20.19
CA PRO A 48 -19.83 -15.38 21.27
C PRO A 48 -18.69 -14.38 21.20
N GLY A 49 -19.04 -13.11 21.10
CA GLY A 49 -18.07 -12.05 21.09
C GLY A 49 -17.35 -11.84 19.78
N ILE A 50 -17.92 -12.32 18.68
CA ILE A 50 -17.24 -12.36 17.39
C ILE A 50 -18.14 -11.69 16.36
N VAL A 51 -17.65 -10.61 15.76
CA VAL A 51 -18.39 -9.82 14.79
C VAL A 51 -17.87 -10.12 13.40
N GLU A 52 -18.77 -10.59 12.52
CA GLU A 52 -18.47 -10.97 11.13
C GLU A 52 -17.36 -12.00 11.05
N GLY A 53 -17.54 -13.12 11.74
CA GLY A 53 -16.54 -14.17 11.69
C GLY A 53 -16.46 -14.86 10.34
N GLY A 54 -17.58 -14.98 9.67
CA GLY A 54 -17.63 -15.56 8.34
C GLY A 54 -18.10 -16.99 8.44
N GLN A 55 -18.87 -17.43 7.45
CA GLN A 55 -19.48 -18.75 7.53
C GLN A 55 -19.60 -19.34 6.13
N VAL A 56 -19.54 -20.66 6.06
CA VAL A 56 -19.70 -21.39 4.81
C VAL A 56 -21.06 -22.08 4.82
N LEU A 57 -21.89 -21.77 3.84
CA LEU A 57 -23.25 -22.30 3.82
C LEU A 57 -23.32 -23.49 2.87
N LYS A 58 -24.43 -24.22 2.96
CA LYS A 58 -24.69 -25.39 2.13
C LYS A 58 -26.03 -25.21 1.46
N CYS A 59 -26.02 -24.90 0.16
CA CYS A 59 -27.23 -24.62 -0.59
C CYS A 59 -27.73 -25.89 -1.26
N ASP A 60 -28.99 -26.20 -1.05
CA ASP A 60 -29.54 -27.45 -1.53
C ASP A 60 -29.86 -27.36 -3.01
N TRP A 61 -29.99 -28.52 -3.64
CA TRP A 61 -30.45 -28.56 -5.02
C TRP A 61 -31.89 -29.06 -5.05
N SER A 62 -32.82 -28.11 -5.02
CA SER A 62 -34.23 -28.43 -4.94
C SER A 62 -35.03 -27.28 -5.54
N SER A 63 -36.35 -27.46 -5.56
CA SER A 63 -37.23 -26.36 -5.96
C SER A 63 -37.30 -25.30 -4.87
N THR A 64 -37.58 -25.72 -3.64
CA THR A 64 -37.55 -24.84 -2.47
C THR A 64 -36.16 -24.94 -1.85
N ARG A 65 -35.16 -24.55 -2.63
CA ARG A 65 -33.76 -24.70 -2.26
C ARG A 65 -33.34 -23.54 -1.38
N ARG A 66 -33.14 -23.82 -0.10
CA ARG A 66 -32.66 -22.83 0.84
C ARG A 66 -31.21 -23.18 1.18
N CYS A 67 -30.54 -22.25 1.83
CA CYS A 67 -29.14 -22.37 2.15
C CYS A 67 -28.95 -22.35 3.66
N GLN A 68 -28.39 -23.42 4.20
CA GLN A 68 -28.20 -23.54 5.64
C GLN A 68 -26.71 -23.48 5.98
N PRO A 69 -26.33 -22.72 6.98
CA PRO A 69 -24.90 -22.59 7.31
C PRO A 69 -24.38 -23.81 8.05
N ILE A 70 -23.14 -24.15 7.74
CA ILE A 70 -22.49 -25.32 8.33
C ILE A 70 -21.75 -24.90 9.58
N GLU A 71 -22.00 -25.59 10.68
CA GLU A 71 -21.36 -25.26 11.96
C GLU A 71 -20.00 -25.94 12.00
N PHE A 72 -19.02 -25.32 11.36
CA PHE A 72 -17.64 -25.76 11.51
C PHE A 72 -17.12 -25.46 12.88
N ASP A 73 -17.59 -24.37 13.48
CA ASP A 73 -17.14 -23.91 14.77
C ASP A 73 -18.25 -23.08 15.39
N ALA A 74 -18.38 -23.17 16.70
CA ALA A 74 -19.36 -22.38 17.42
C ALA A 74 -18.79 -21.72 18.67
N THR A 75 -17.48 -21.77 18.87
CA THR A 75 -16.87 -21.23 20.05
C THR A 75 -16.39 -19.81 19.81
N GLY A 76 -16.09 -19.12 20.90
CA GLY A 76 -15.51 -17.79 20.84
C GLY A 76 -14.01 -17.86 20.79
N ASN A 77 -13.38 -16.77 21.19
CA ASN A 77 -11.93 -16.71 21.24
C ASN A 77 -11.44 -17.45 22.47
N ARG A 78 -10.57 -18.42 22.27
CA ARG A 78 -9.93 -19.06 23.40
C ARG A 78 -8.94 -18.10 24.04
N ASP A 79 -8.59 -18.38 25.29
CA ASP A 79 -7.74 -17.52 26.08
C ASP A 79 -6.40 -18.20 26.34
N TYR A 80 -5.35 -17.40 26.35
CA TYR A 80 -4.04 -17.89 26.78
C TYR A 80 -3.97 -17.92 28.30
N ALA A 81 -4.51 -16.91 28.95
CA ALA A 81 -4.57 -16.84 30.39
C ALA A 81 -5.84 -16.06 30.76
N LYS A 82 -5.93 -15.64 32.01
CA LYS A 82 -7.09 -14.89 32.44
C LYS A 82 -7.04 -13.48 31.86
N ASP A 83 -8.13 -13.09 31.17
CA ASP A 83 -8.29 -11.79 30.53
C ASP A 83 -7.17 -11.52 29.52
N ASP A 84 -6.85 -12.54 28.72
CA ASP A 84 -5.80 -12.45 27.71
C ASP A 84 -6.12 -13.44 26.61
N PRO A 85 -6.71 -12.99 25.51
CA PRO A 85 -7.15 -13.92 24.48
C PRO A 85 -5.97 -14.52 23.73
N LEU A 86 -6.04 -15.82 23.51
CA LEU A 86 -5.08 -16.51 22.66
C LEU A 86 -5.27 -16.18 21.18
N GLU A 87 -6.48 -15.86 20.77
CA GLU A 87 -6.76 -15.79 19.36
C GLU A 87 -7.85 -14.76 19.12
N PHE A 88 -8.02 -14.40 17.85
CA PHE A 88 -8.88 -13.29 17.47
C PHE A 88 -9.64 -13.73 16.23
N LYS A 89 -10.95 -13.93 16.35
CA LYS A 89 -11.73 -14.52 15.29
C LYS A 89 -12.71 -13.59 14.63
N SER A 90 -12.85 -12.35 15.09
CA SER A 90 -13.75 -11.43 14.41
C SER A 90 -13.08 -10.91 13.15
N HIS A 91 -13.84 -10.81 12.08
CA HIS A 91 -13.42 -10.42 10.74
C HIS A 91 -12.33 -11.34 10.18
N GLN A 92 -12.35 -12.63 10.50
CA GLN A 92 -11.25 -13.51 10.12
C GLN A 92 -11.38 -14.08 8.72
N TRP A 93 -12.47 -13.77 8.02
CA TRP A 93 -12.71 -14.15 6.62
C TRP A 93 -12.77 -15.66 6.42
N PHE A 94 -13.45 -16.33 7.34
CA PHE A 94 -13.74 -17.75 7.19
C PHE A 94 -14.76 -17.94 6.07
N GLY A 95 -14.34 -18.55 4.99
CA GLY A 95 -15.22 -18.69 3.85
C GLY A 95 -14.66 -18.03 2.61
N ALA A 96 -13.43 -17.54 2.70
CA ALA A 96 -12.72 -17.05 1.55
C ALA A 96 -12.09 -18.17 0.74
N SER A 97 -12.11 -19.40 1.27
CA SER A 97 -11.59 -20.56 0.58
C SER A 97 -12.52 -21.72 0.88
N VAL A 98 -13.28 -22.17 -0.12
CA VAL A 98 -14.28 -23.23 0.04
C VAL A 98 -13.94 -24.33 -0.96
N ARG A 99 -13.67 -25.53 -0.47
CA ARG A 99 -13.09 -26.59 -1.29
C ARG A 99 -13.52 -27.95 -0.78
N SER A 100 -13.99 -28.80 -1.69
CA SER A 100 -14.68 -30.02 -1.27
C SER A 100 -14.31 -31.23 -2.09
N LYS A 101 -14.05 -32.34 -1.40
CA LYS A 101 -13.84 -33.62 -2.06
C LYS A 101 -14.60 -34.72 -1.30
N GLN A 102 -15.88 -34.89 -1.68
CA GLN A 102 -16.67 -36.12 -1.59
C GLN A 102 -17.15 -36.55 -0.20
N ASP A 103 -16.52 -36.08 0.86
CA ASP A 103 -17.08 -36.12 2.21
C ASP A 103 -16.56 -34.90 2.93
N LYS A 104 -15.51 -34.34 2.36
CA LYS A 104 -14.60 -33.47 3.08
C LYS A 104 -14.85 -32.06 2.60
N ILE A 105 -15.05 -31.15 3.54
CA ILE A 105 -15.18 -29.74 3.22
C ILE A 105 -14.07 -29.01 3.97
N LEU A 106 -13.07 -28.55 3.25
CA LEU A 106 -12.00 -27.74 3.81
C LEU A 106 -12.33 -26.28 3.59
N ALA A 107 -12.49 -25.54 4.68
CA ALA A 107 -12.80 -24.12 4.61
C ALA A 107 -11.80 -23.37 5.46
N CYS A 108 -11.34 -22.23 4.98
CA CYS A 108 -10.18 -21.57 5.55
C CYS A 108 -10.44 -20.10 5.84
N ALA A 109 -9.85 -19.63 6.93
CA ALA A 109 -9.95 -18.24 7.39
C ALA A 109 -8.60 -17.58 7.28
N PRO A 110 -8.29 -16.84 6.21
CA PRO A 110 -6.95 -16.28 6.04
C PRO A 110 -6.61 -15.20 7.04
N LEU A 111 -7.56 -14.30 7.30
CA LEU A 111 -7.35 -13.13 8.14
C LEU A 111 -7.44 -13.43 9.63
N TYR A 112 -7.38 -14.70 10.02
CA TYR A 112 -7.31 -15.12 11.42
C TYR A 112 -6.02 -14.64 12.06
N HIS A 113 -6.15 -13.97 13.20
CA HIS A 113 -5.01 -13.54 14.00
C HIS A 113 -4.93 -14.37 15.26
N TRP A 114 -3.75 -14.39 15.89
CA TRP A 114 -3.64 -15.10 17.15
C TRP A 114 -2.56 -14.44 17.98
N ARG A 115 -2.71 -14.51 19.30
CA ARG A 115 -1.68 -14.15 20.25
C ARG A 115 -0.75 -15.35 20.33
N THR A 116 0.53 -15.14 20.05
CA THR A 116 1.42 -16.29 19.98
C THR A 116 1.79 -16.79 21.37
N GLU A 117 2.50 -17.92 21.40
CA GLU A 117 2.81 -18.56 22.67
C GLU A 117 3.91 -17.84 23.44
N MET A 118 4.81 -17.13 22.76
CA MET A 118 5.95 -16.53 23.44
C MET A 118 5.71 -15.09 23.89
N LYS A 119 4.84 -14.33 23.22
CA LYS A 119 4.60 -12.96 23.61
C LYS A 119 3.20 -12.59 23.18
N GLN A 120 2.81 -11.36 23.45
CA GLN A 120 1.51 -10.91 22.99
C GLN A 120 1.64 -10.28 21.62
N GLU A 121 0.83 -10.74 20.68
CA GLU A 121 0.84 -10.23 19.32
C GLU A 121 -0.54 -10.41 18.73
N ARG A 122 -0.71 -9.94 17.49
CA ARG A 122 -1.88 -10.23 16.66
C ARG A 122 -1.32 -10.51 15.27
N GLU A 123 -1.05 -11.78 14.99
CA GLU A 123 -0.38 -12.12 13.74
C GLU A 123 -1.32 -12.83 12.79
N PRO A 124 -1.56 -12.28 11.58
CA PRO A 124 -2.51 -12.90 10.65
C PRO A 124 -2.00 -14.20 10.07
N VAL A 125 -2.19 -15.28 10.82
CA VAL A 125 -1.51 -16.54 10.51
C VAL A 125 -2.43 -17.51 9.78
N GLY A 126 -3.74 -17.33 9.86
CA GLY A 126 -4.67 -18.19 9.15
C GLY A 126 -4.89 -19.55 9.78
N THR A 127 -6.13 -20.03 9.72
CA THR A 127 -6.47 -21.41 10.07
C THR A 127 -7.33 -22.00 8.97
N CYS A 128 -7.58 -23.30 9.08
CA CYS A 128 -8.50 -24.00 8.21
C CYS A 128 -9.26 -25.02 9.05
N PHE A 129 -10.47 -25.33 8.60
CA PHE A 129 -11.34 -26.32 9.23
C PHE A 129 -11.69 -27.41 8.23
N LEU A 130 -11.43 -28.66 8.60
CA LEU A 130 -11.66 -29.82 7.75
C LEU A 130 -12.80 -30.64 8.33
N GLN A 131 -13.93 -30.65 7.65
CA GLN A 131 -15.09 -31.46 8.03
C GLN A 131 -15.09 -32.73 7.20
N ASP A 132 -14.58 -33.81 7.77
CA ASP A 132 -14.62 -35.11 7.13
C ASP A 132 -15.84 -35.86 7.66
N GLY A 133 -16.99 -35.60 7.06
CA GLY A 133 -18.22 -36.23 7.52
C GLY A 133 -18.74 -35.62 8.80
N THR A 134 -18.68 -36.39 9.89
CA THR A 134 -19.21 -35.93 11.16
C THR A 134 -18.13 -35.40 12.11
N LYS A 135 -16.87 -35.46 11.73
CA LYS A 135 -15.76 -35.02 12.56
C LYS A 135 -15.14 -33.79 11.93
N THR A 136 -15.10 -32.69 12.69
CA THR A 136 -14.48 -31.46 12.24
C THR A 136 -13.19 -31.27 13.03
N VAL A 137 -12.09 -31.08 12.32
CA VAL A 137 -10.80 -30.82 12.94
C VAL A 137 -10.34 -29.44 12.51
N GLU A 138 -9.29 -28.96 13.17
CA GLU A 138 -8.70 -27.67 12.86
C GLU A 138 -7.32 -27.86 12.28
N TYR A 139 -7.05 -27.17 11.18
CA TYR A 139 -5.79 -27.29 10.46
C TYR A 139 -5.13 -25.93 10.39
N ALA A 140 -3.99 -25.77 11.04
CA ALA A 140 -3.30 -24.49 11.12
C ALA A 140 -1.80 -24.72 11.11
N PRO A 141 -1.23 -24.95 9.92
CA PRO A 141 0.20 -25.29 9.90
C PRO A 141 1.09 -24.08 10.00
N CYS A 142 0.62 -22.89 9.61
CA CYS A 142 1.42 -21.69 9.79
C CYS A 142 1.44 -21.25 11.25
N ARG A 143 0.45 -21.67 12.04
CA ARG A 143 0.37 -21.33 13.47
C ARG A 143 1.38 -22.19 14.22
N SER A 144 2.61 -21.71 14.26
CA SER A 144 3.73 -22.49 14.76
C SER A 144 4.64 -21.66 15.64
N GLN A 145 5.83 -22.18 15.93
CA GLN A 145 6.75 -21.50 16.83
C GLN A 145 7.65 -20.49 16.14
N ASP A 146 7.70 -20.48 14.80
CA ASP A 146 8.42 -19.44 14.05
C ASP A 146 7.48 -18.25 13.91
N ILE A 147 7.74 -17.19 14.67
CA ILE A 147 6.73 -16.15 14.87
C ILE A 147 7.22 -14.73 14.61
N ASP A 148 7.10 -14.29 13.36
CA ASP A 148 7.33 -12.90 12.93
C ASP A 148 6.91 -12.74 11.48
N ALA A 149 7.20 -11.57 10.90
CA ALA A 149 7.27 -11.48 9.46
C ALA A 149 8.44 -12.29 8.93
N ASP A 150 9.49 -12.44 9.75
CA ASP A 150 10.63 -13.26 9.40
C ASP A 150 10.23 -14.72 9.28
N GLY A 151 9.40 -15.21 10.19
CA GLY A 151 8.95 -16.58 10.13
C GLY A 151 7.58 -16.73 9.51
N GLN A 152 6.78 -17.65 10.03
CA GLN A 152 5.48 -17.94 9.47
C GLN A 152 4.37 -17.17 10.15
N GLY A 153 4.68 -16.03 10.77
CA GLY A 153 3.71 -15.37 11.61
C GLY A 153 2.66 -14.61 10.82
N PHE A 154 3.07 -14.00 9.72
CA PHE A 154 2.13 -13.30 8.87
C PHE A 154 1.75 -14.15 7.66
N CYS A 155 1.68 -15.48 7.87
CA CYS A 155 1.56 -16.45 6.79
C CYS A 155 0.27 -16.27 6.03
N GLN A 156 -0.82 -16.08 6.76
CA GLN A 156 -2.17 -15.91 6.24
C GLN A 156 -2.52 -17.11 5.37
N GLY A 157 -2.26 -18.28 5.92
CA GLY A 157 -2.45 -19.51 5.20
C GLY A 157 -3.93 -19.88 5.09
N GLY A 158 -4.23 -20.68 4.10
CA GLY A 158 -5.60 -20.87 3.71
C GLY A 158 -6.10 -19.82 2.75
N PHE A 159 -5.20 -19.03 2.18
CA PHE A 159 -5.58 -18.02 1.22
C PHE A 159 -6.02 -18.67 -0.08
N SER A 160 -5.44 -19.82 -0.39
CA SER A 160 -5.80 -20.65 -1.53
C SER A 160 -5.54 -22.10 -1.18
N ILE A 161 -6.51 -22.97 -1.47
CA ILE A 161 -6.46 -24.38 -1.13
C ILE A 161 -6.93 -25.22 -2.30
N ASP A 162 -6.54 -26.50 -2.29
CA ASP A 162 -6.92 -27.47 -3.32
C ASP A 162 -6.61 -28.86 -2.81
N PHE A 163 -7.35 -29.85 -3.35
CA PHE A 163 -7.20 -31.26 -2.97
C PHE A 163 -6.42 -32.04 -4.02
N THR A 164 -5.41 -32.77 -3.57
CA THR A 164 -4.73 -33.76 -4.37
C THR A 164 -5.59 -35.03 -4.40
N LYS A 165 -5.56 -35.76 -5.53
CA LYS A 165 -6.32 -36.99 -5.66
C LYS A 165 -5.87 -38.07 -4.68
N ALA A 166 -4.63 -38.02 -4.22
CA ALA A 166 -4.07 -39.03 -3.34
C ALA A 166 -4.24 -38.70 -1.88
N ASP A 167 -5.32 -37.99 -1.53
CA ASP A 167 -5.72 -37.57 -0.18
C ASP A 167 -4.71 -36.66 0.48
N ARG A 168 -3.96 -35.87 -0.27
CA ARG A 168 -3.26 -34.74 0.32
C ARG A 168 -4.03 -33.48 0.00
N VAL A 169 -3.68 -32.42 0.69
CA VAL A 169 -4.32 -31.13 0.48
C VAL A 169 -3.21 -30.08 0.39
N LEU A 170 -3.35 -29.15 -0.52
CA LEU A 170 -2.34 -28.12 -0.75
C LEU A 170 -2.80 -26.82 -0.14
N LEU A 171 -1.98 -26.26 0.76
CA LEU A 171 -2.25 -25.00 1.40
C LEU A 171 -1.37 -23.94 0.76
N GLY A 172 -1.94 -22.79 0.44
CA GLY A 172 -1.17 -21.68 -0.06
C GLY A 172 -1.19 -20.49 0.87
N GLY A 173 -0.05 -20.18 1.48
CA GLY A 173 0.06 -19.05 2.37
C GLY A 173 1.01 -18.02 1.84
N PRO A 174 0.51 -16.85 1.47
CA PRO A 174 1.28 -15.93 0.64
C PRO A 174 2.11 -14.91 1.40
N GLY A 175 2.26 -15.08 2.71
CA GLY A 175 2.92 -14.05 3.49
C GLY A 175 4.07 -14.56 4.30
N SER A 176 4.42 -15.82 4.12
CA SER A 176 5.46 -16.43 4.93
C SER A 176 6.84 -15.94 4.50
N PHE A 177 7.70 -15.78 5.49
CA PHE A 177 9.13 -15.46 5.33
C PHE A 177 9.33 -14.13 4.59
N TYR A 178 8.82 -13.05 5.19
CA TYR A 178 8.79 -11.71 4.61
C TYR A 178 8.11 -11.72 3.26
N TRP A 179 6.92 -12.32 3.22
CA TRP A 179 6.05 -12.39 2.04
C TRP A 179 6.71 -13.07 0.86
N GLN A 180 7.65 -13.99 1.13
CA GLN A 180 8.04 -14.94 0.11
C GLN A 180 6.92 -15.89 -0.24
N GLY A 181 6.00 -16.13 0.69
CA GLY A 181 4.93 -17.08 0.46
C GLY A 181 5.39 -18.48 0.73
N GLN A 182 4.46 -19.43 0.82
CA GLN A 182 4.84 -20.81 1.10
C GLN A 182 3.72 -21.70 0.63
N LEU A 183 4.08 -22.86 0.09
CA LEU A 183 3.16 -23.96 -0.07
C LEU A 183 3.34 -24.92 1.08
N ILE A 184 2.23 -25.48 1.55
CA ILE A 184 2.22 -26.48 2.61
C ILE A 184 1.28 -27.58 2.14
N SER A 185 1.78 -28.80 2.08
CA SER A 185 0.96 -29.93 1.67
C SER A 185 1.07 -31.04 2.69
N ASP A 186 -0.06 -31.65 3.02
CA ASP A 186 -0.08 -32.66 4.06
C ASP A 186 -1.28 -33.57 3.83
N GLN A 187 -1.15 -34.80 4.30
CA GLN A 187 -2.17 -35.81 4.13
C GLN A 187 -3.38 -35.51 5.00
N VAL A 188 -4.56 -35.90 4.52
CA VAL A 188 -5.79 -35.67 5.26
C VAL A 188 -5.89 -36.63 6.44
N ALA A 189 -5.24 -37.78 6.35
CA ALA A 189 -5.16 -38.69 7.49
C ALA A 189 -4.27 -38.14 8.59
N GLU A 190 -3.26 -37.35 8.24
CA GLU A 190 -2.43 -36.72 9.25
C GLU A 190 -3.16 -35.59 9.96
N ILE A 191 -4.10 -34.95 9.28
CA ILE A 191 -4.76 -33.80 9.85
C ILE A 191 -5.82 -34.23 10.85
N VAL A 192 -6.63 -35.21 10.47
CA VAL A 192 -7.75 -35.64 11.31
C VAL A 192 -7.24 -36.39 12.53
N SER A 193 -6.24 -37.26 12.33
CA SER A 193 -5.71 -38.05 13.42
C SER A 193 -4.94 -37.20 14.41
N LYS A 194 -3.90 -36.53 13.94
CA LYS A 194 -3.06 -35.72 14.82
C LYS A 194 -3.76 -34.38 15.02
N TYR A 195 -4.77 -34.39 15.87
CA TYR A 195 -5.46 -33.17 16.26
C TYR A 195 -5.85 -33.28 17.73
N ASP A 196 -5.05 -32.66 18.57
CA ASP A 196 -5.40 -32.42 19.97
C ASP A 196 -5.98 -31.03 20.00
N PRO A 197 -7.23 -30.83 20.43
CA PRO A 197 -7.79 -29.47 20.45
C PRO A 197 -7.25 -28.59 21.55
N ASN A 198 -6.38 -29.11 22.42
CA ASN A 198 -5.69 -28.31 23.42
C ASN A 198 -4.22 -28.12 23.12
N VAL A 199 -3.78 -28.47 21.91
CA VAL A 199 -2.41 -28.21 21.45
C VAL A 199 -2.47 -27.22 20.31
N TYR A 200 -1.63 -26.19 20.39
CA TYR A 200 -1.79 -24.98 19.58
C TYR A 200 -0.94 -25.00 18.31
N SER A 201 0.21 -25.66 18.34
CA SER A 201 1.05 -25.85 17.16
C SER A 201 1.30 -27.34 17.01
N ILE A 202 0.66 -27.95 16.01
CA ILE A 202 0.69 -29.39 15.81
C ILE A 202 1.80 -29.73 14.85
N LYS A 203 2.62 -30.72 15.20
CA LYS A 203 3.66 -31.22 14.33
C LYS A 203 3.11 -32.37 13.49
N TYR A 204 3.41 -32.35 12.20
CA TYR A 204 2.91 -33.30 11.22
C TYR A 204 4.07 -34.05 10.60
N ASN A 205 3.90 -35.35 10.40
CA ASN A 205 5.00 -36.17 9.93
C ASN A 205 5.20 -36.10 8.42
N ASN A 206 4.12 -36.31 7.66
CA ASN A 206 4.19 -36.38 6.21
C ASN A 206 3.93 -35.03 5.55
N GLN A 207 4.23 -33.94 6.24
CA GLN A 207 3.96 -32.61 5.75
C GLN A 207 5.06 -32.19 4.80
N LEU A 208 4.68 -31.77 3.60
CA LEU A 208 5.61 -31.22 2.62
C LEU A 208 5.40 -29.71 2.54
N ALA A 209 6.49 -28.97 2.69
CA ALA A 209 6.42 -27.51 2.64
C ALA A 209 7.71 -26.99 2.03
N THR A 210 7.61 -25.83 1.38
CA THR A 210 8.78 -25.13 0.93
C THR A 210 9.44 -24.43 2.10
N ARG A 211 10.65 -23.96 1.88
CA ARG A 211 11.47 -23.46 2.96
C ARG A 211 11.76 -21.97 2.75
N THR A 212 12.67 -21.45 3.55
CA THR A 212 13.16 -20.09 3.37
C THR A 212 13.94 -19.98 2.07
N ALA A 213 13.97 -18.78 1.50
CA ALA A 213 14.82 -18.51 0.35
C ALA A 213 15.73 -17.34 0.68
N GLN A 214 16.41 -16.82 -0.33
CA GLN A 214 17.20 -15.61 -0.13
C GLN A 214 16.29 -14.38 -0.18
N ALA A 215 16.86 -13.24 0.19
CA ALA A 215 16.06 -12.04 0.36
C ALA A 215 15.64 -11.42 -0.96
N ILE A 216 16.24 -11.83 -2.07
CA ILE A 216 15.85 -11.30 -3.37
C ILE A 216 14.49 -11.82 -3.78
N PHE A 217 14.04 -12.91 -3.17
CA PHE A 217 12.74 -13.51 -3.45
C PHE A 217 11.65 -12.98 -2.54
N ASP A 218 11.97 -12.02 -1.67
CA ASP A 218 10.98 -11.46 -0.78
C ASP A 218 9.94 -10.67 -1.58
N ASP A 219 8.77 -10.55 -1.00
CA ASP A 219 7.56 -10.02 -1.62
C ASP A 219 7.26 -10.71 -2.95
N SER A 220 6.97 -12.00 -2.94
CA SER A 220 6.66 -12.66 -4.20
C SER A 220 5.26 -13.26 -4.16
N TYR A 221 4.73 -13.50 -2.95
CA TYR A 221 3.41 -14.06 -2.66
C TYR A 221 3.22 -15.45 -3.24
N LEU A 222 4.07 -16.40 -2.89
CA LEU A 222 3.88 -17.77 -3.32
C LEU A 222 2.69 -18.37 -2.59
N GLY A 223 1.84 -19.08 -3.31
CA GLY A 223 0.62 -19.56 -2.71
C GLY A 223 -0.52 -18.59 -2.76
N TYR A 224 -0.41 -17.54 -3.56
CA TYR A 224 -1.53 -16.65 -3.79
C TYR A 224 -2.64 -17.37 -4.55
N SER A 225 -2.26 -18.32 -5.42
CA SER A 225 -3.18 -19.19 -6.12
C SER A 225 -2.50 -20.55 -6.27
N VAL A 226 -3.28 -21.63 -6.18
CA VAL A 226 -2.76 -22.99 -6.27
C VAL A 226 -3.55 -23.77 -7.31
N ALA A 227 -2.98 -24.89 -7.74
CA ALA A 227 -3.64 -25.85 -8.61
C ALA A 227 -2.94 -27.18 -8.47
N VAL A 228 -3.58 -28.24 -8.93
CA VAL A 228 -2.98 -29.57 -8.96
C VAL A 228 -3.17 -30.19 -10.35
N GLY A 229 -2.23 -31.04 -10.74
CA GLY A 229 -2.21 -31.71 -12.02
C GLY A 229 -0.89 -32.45 -12.14
N ASP A 230 -0.80 -33.47 -12.97
CA ASP A 230 0.43 -34.25 -13.04
C ASP A 230 1.34 -33.68 -14.11
N PHE A 231 2.63 -33.56 -13.79
CA PHE A 231 3.56 -32.93 -14.69
C PHE A 231 4.89 -33.65 -14.83
N ASN A 232 5.07 -34.81 -14.22
CA ASN A 232 6.20 -35.65 -14.61
C ASN A 232 5.84 -37.13 -14.64
N GLY A 233 4.57 -37.44 -14.89
CA GLY A 233 4.17 -38.80 -15.18
C GLY A 233 4.22 -39.78 -14.03
N ASP A 234 4.40 -39.33 -12.80
CA ASP A 234 4.43 -40.25 -11.67
C ASP A 234 3.04 -40.58 -11.15
N GLY A 235 1.98 -40.14 -11.81
CA GLY A 235 0.62 -40.43 -11.41
C GLY A 235 0.10 -39.59 -10.28
N ILE A 236 0.94 -38.78 -9.65
CA ILE A 236 0.60 -38.00 -8.47
C ILE A 236 0.39 -36.56 -8.89
N ASP A 237 -0.60 -35.89 -8.31
CA ASP A 237 -0.83 -34.49 -8.61
C ASP A 237 0.33 -33.65 -8.14
N ASP A 238 1.06 -33.08 -9.09
CA ASP A 238 2.12 -32.14 -8.81
C ASP A 238 1.51 -30.77 -8.52
N PHE A 239 2.23 -29.97 -7.73
CA PHE A 239 1.67 -28.75 -7.18
C PHE A 239 2.01 -27.55 -8.06
N VAL A 240 0.99 -26.84 -8.51
CA VAL A 240 1.14 -25.63 -9.30
C VAL A 240 0.78 -24.46 -8.41
N SER A 241 1.57 -23.37 -8.49
CA SER A 241 1.34 -22.23 -7.62
C SER A 241 1.58 -20.94 -8.39
N GLY A 242 0.63 -20.01 -8.33
CA GLY A 242 0.84 -18.70 -8.93
C GLY A 242 1.52 -17.74 -7.95
N VAL A 243 2.63 -17.15 -8.41
CA VAL A 243 3.50 -16.31 -7.59
C VAL A 243 3.51 -14.92 -8.20
N PRO A 244 2.58 -14.03 -7.85
CA PRO A 244 2.28 -12.88 -8.71
C PRO A 244 3.30 -11.77 -8.70
N ARG A 245 4.17 -11.69 -7.71
CA ARG A 245 5.11 -10.58 -7.63
C ARG A 245 6.56 -11.03 -7.72
N ALA A 246 6.82 -12.25 -8.17
CA ALA A 246 8.20 -12.68 -8.26
C ALA A 246 8.84 -12.14 -9.52
N ALA A 247 10.17 -12.21 -9.54
CA ALA A 247 11.03 -11.80 -10.66
C ALA A 247 10.79 -10.34 -11.05
N ARG A 248 10.87 -9.48 -10.03
CA ARG A 248 10.70 -8.03 -10.13
C ARG A 248 9.35 -7.67 -10.72
N THR A 249 8.31 -8.28 -10.16
CA THR A 249 6.89 -8.00 -10.37
C THR A 249 6.44 -8.29 -11.80
N LEU A 250 7.21 -9.09 -12.56
CA LEU A 250 6.68 -9.68 -13.77
C LEU A 250 5.63 -10.72 -13.45
N GLY A 251 5.83 -11.46 -12.38
CA GLY A 251 5.02 -12.59 -12.00
C GLY A 251 5.66 -13.89 -12.46
N MET A 252 5.59 -14.90 -11.60
CA MET A 252 5.99 -16.25 -11.98
C MET A 252 4.90 -17.22 -11.56
N VAL A 253 4.98 -18.45 -12.08
CA VAL A 253 4.14 -19.57 -11.67
C VAL A 253 5.03 -20.79 -11.49
N TYR A 254 5.08 -21.34 -10.28
CA TYR A 254 5.98 -22.45 -9.99
C TYR A 254 5.23 -23.76 -10.07
N ILE A 255 5.94 -24.80 -10.49
CA ILE A 255 5.42 -26.16 -10.46
C ILE A 255 6.37 -26.98 -9.61
N TYR A 256 5.86 -27.57 -8.55
CA TYR A 256 6.63 -28.41 -7.64
C TYR A 256 6.21 -29.86 -7.80
N ASP A 257 7.11 -30.76 -7.41
CA ASP A 257 6.79 -32.17 -7.43
C ASP A 257 5.76 -32.48 -6.34
N GLY A 258 4.89 -33.44 -6.62
CA GLY A 258 3.87 -33.80 -5.66
C GLY A 258 4.36 -34.77 -4.61
N LYS A 259 5.47 -35.46 -4.88
CA LYS A 259 5.95 -36.51 -4.01
C LYS A 259 6.98 -36.03 -3.00
N ASN A 260 7.81 -35.06 -3.36
CA ASN A 260 8.73 -34.52 -2.35
C ASN A 260 8.96 -33.01 -2.42
N MET A 261 8.12 -32.26 -3.14
CA MET A 261 8.14 -30.79 -3.21
C MET A 261 9.50 -30.29 -3.71
N SER A 262 9.83 -30.68 -4.93
CA SER A 262 11.03 -30.21 -5.63
C SER A 262 10.61 -29.55 -6.93
N SER A 263 11.40 -28.57 -7.36
CA SER A 263 10.98 -27.69 -8.44
C SER A 263 11.07 -28.40 -9.77
N LEU A 264 9.93 -28.50 -10.46
CA LEU A 264 9.87 -29.12 -11.78
C LEU A 264 10.01 -28.09 -12.89
N TYR A 265 9.12 -27.12 -12.92
CA TYR A 265 9.12 -26.15 -14.00
C TYR A 265 8.70 -24.80 -13.48
N ASN A 266 8.99 -23.76 -14.26
CA ASN A 266 8.69 -22.38 -13.92
C ASN A 266 8.00 -21.70 -15.08
N PHE A 267 7.27 -20.63 -14.77
CA PHE A 267 6.74 -19.73 -15.78
C PHE A 267 7.14 -18.33 -15.38
N THR A 268 7.03 -17.39 -16.31
CA THR A 268 7.42 -16.02 -16.07
C THR A 268 6.57 -15.11 -16.92
N GLY A 269 6.05 -14.04 -16.32
CA GLY A 269 5.29 -13.08 -17.07
C GLY A 269 6.19 -12.25 -17.97
N GLU A 270 5.55 -11.51 -18.86
CA GLU A 270 6.28 -10.67 -19.79
C GLU A 270 6.05 -9.18 -19.58
N GLN A 271 5.04 -8.77 -18.86
CA GLN A 271 4.80 -7.38 -18.51
C GLN A 271 4.81 -7.24 -17.00
N MET A 272 5.56 -6.28 -16.48
CA MET A 272 5.57 -6.02 -15.06
C MET A 272 4.24 -5.48 -14.60
N ALA A 273 3.90 -5.80 -13.36
CA ALA A 273 2.69 -5.39 -12.64
C ALA A 273 1.41 -5.84 -13.32
N ALA A 274 1.39 -6.99 -13.98
CA ALA A 274 0.18 -7.51 -14.60
C ALA A 274 -0.46 -8.66 -13.83
N TYR A 275 0.11 -9.04 -12.69
CA TYR A 275 -0.32 -10.18 -11.87
C TYR A 275 -0.31 -11.50 -12.61
N PHE A 276 0.88 -11.90 -13.04
CA PHE A 276 1.08 -13.22 -13.61
C PHE A 276 1.17 -14.21 -12.45
N GLY A 277 0.05 -14.84 -12.13
CA GLY A 277 -0.04 -15.69 -10.97
C GLY A 277 -1.28 -15.45 -10.15
N PHE A 278 -2.19 -14.62 -10.62
CA PHE A 278 -3.42 -14.35 -9.87
C PHE A 278 -4.34 -15.55 -9.89
N SER A 279 -4.35 -16.29 -11.00
CA SER A 279 -5.13 -17.51 -11.14
C SER A 279 -4.31 -18.54 -11.89
N VAL A 280 -4.31 -19.77 -11.37
CA VAL A 280 -3.77 -20.91 -12.09
C VAL A 280 -4.83 -22.00 -12.11
N ALA A 281 -4.93 -22.70 -13.23
CA ALA A 281 -5.78 -23.87 -13.37
C ALA A 281 -4.99 -24.96 -14.06
N ALA A 282 -5.55 -26.16 -14.07
CA ALA A 282 -4.93 -27.29 -14.75
C ALA A 282 -6.01 -28.26 -15.21
N THR A 283 -6.22 -28.34 -16.51
CA THR A 283 -7.08 -29.36 -17.08
C THR A 283 -6.52 -29.76 -18.42
N ASP A 284 -7.01 -30.87 -18.95
CA ASP A 284 -6.55 -31.42 -20.22
C ASP A 284 -7.43 -30.85 -21.33
N ILE A 285 -7.08 -29.66 -21.82
CA ILE A 285 -7.96 -28.96 -22.75
C ILE A 285 -7.96 -29.55 -24.15
N ASN A 286 -6.98 -30.37 -24.51
CA ASN A 286 -6.93 -30.96 -25.84
C ASN A 286 -7.08 -32.48 -25.82
N GLY A 287 -7.06 -33.10 -24.66
CA GLY A 287 -7.22 -34.54 -24.62
C GLY A 287 -5.98 -35.32 -24.95
N ASP A 288 -4.80 -34.78 -24.67
CA ASP A 288 -3.59 -35.55 -24.92
C ASP A 288 -3.14 -36.35 -23.71
N ASP A 289 -3.99 -36.46 -22.68
CA ASP A 289 -3.69 -37.07 -21.39
C ASP A 289 -2.52 -36.41 -20.68
N TYR A 290 -2.32 -35.11 -20.93
CA TYR A 290 -1.35 -34.29 -20.22
C TYR A 290 -2.04 -33.01 -19.79
N ALA A 291 -1.92 -32.68 -18.49
CA ALA A 291 -2.62 -31.54 -17.92
C ALA A 291 -1.99 -30.23 -18.40
N ASP A 292 -2.82 -29.24 -18.68
CA ASP A 292 -2.38 -28.02 -19.32
C ASP A 292 -2.53 -26.84 -18.36
N VAL A 293 -1.52 -25.95 -18.35
CA VAL A 293 -1.43 -24.88 -17.37
C VAL A 293 -2.15 -23.64 -17.92
N PHE A 294 -2.91 -22.97 -17.07
CA PHE A 294 -3.79 -21.87 -17.47
C PHE A 294 -3.58 -20.74 -16.49
N ILE A 295 -2.82 -19.73 -16.89
CA ILE A 295 -2.34 -18.69 -16.00
C ILE A 295 -2.99 -17.37 -16.35
N GLY A 296 -3.78 -16.83 -15.44
CA GLY A 296 -4.42 -15.56 -15.66
C GLY A 296 -3.58 -14.39 -15.16
N ALA A 297 -3.69 -13.27 -15.89
CA ALA A 297 -3.02 -12.03 -15.53
C ALA A 297 -3.99 -10.90 -15.79
N PRO A 298 -4.79 -10.53 -14.79
CA PRO A 298 -5.92 -9.62 -15.04
C PRO A 298 -5.53 -8.21 -15.32
N LEU A 299 -4.32 -7.79 -14.95
CA LEU A 299 -3.90 -6.40 -15.09
C LEU A 299 -2.94 -6.22 -16.25
N PHE A 300 -3.12 -6.98 -17.31
CA PHE A 300 -2.27 -6.90 -18.49
C PHE A 300 -2.77 -5.81 -19.42
N MET A 301 -1.85 -4.96 -19.86
CA MET A 301 -2.14 -3.87 -20.80
C MET A 301 -1.54 -4.21 -22.15
N ASP A 302 -2.37 -4.29 -23.18
CA ASP A 302 -1.85 -4.50 -24.52
C ASP A 302 -1.88 -3.22 -25.32
N ARG A 303 -1.03 -3.16 -26.35
CA ARG A 303 -1.06 -2.04 -27.27
C ARG A 303 -2.34 -2.11 -28.10
N GLY A 304 -3.06 -1.01 -28.18
CA GLY A 304 -4.18 -0.93 -29.10
C GLY A 304 -3.71 -0.73 -30.52
N SER A 305 -4.69 -0.52 -31.42
CA SER A 305 -4.34 -0.22 -32.80
C SER A 305 -3.76 1.18 -32.94
N ASP A 306 -4.09 2.08 -32.01
CA ASP A 306 -3.49 3.42 -31.98
C ASP A 306 -2.15 3.45 -31.28
N GLY A 307 -1.83 2.44 -30.48
CA GLY A 307 -0.64 2.44 -29.66
C GLY A 307 -0.90 2.64 -28.19
N LYS A 308 -2.15 2.87 -27.80
CA LYS A 308 -2.49 3.05 -26.39
C LYS A 308 -2.41 1.71 -25.66
N LEU A 309 -2.03 1.78 -24.39
CA LEU A 309 -2.03 0.61 -23.54
C LEU A 309 -3.41 0.44 -22.92
N GLN A 310 -4.13 -0.59 -23.35
CA GLN A 310 -5.46 -0.88 -22.86
C GLN A 310 -5.38 -2.07 -21.92
N GLU A 311 -5.77 -1.86 -20.67
CA GLU A 311 -5.71 -2.90 -19.66
C GLU A 311 -6.88 -3.85 -19.87
N VAL A 312 -6.63 -4.96 -20.58
CA VAL A 312 -7.69 -5.89 -20.95
C VAL A 312 -7.62 -7.19 -20.17
N GLY A 313 -6.44 -7.64 -19.77
CA GLY A 313 -6.28 -8.94 -19.16
C GLY A 313 -5.72 -9.96 -20.13
N GLN A 314 -5.17 -11.04 -19.58
CA GLN A 314 -4.53 -12.03 -20.42
C GLN A 314 -4.52 -13.36 -19.70
N VAL A 315 -4.65 -14.45 -20.46
CA VAL A 315 -4.56 -15.81 -19.94
C VAL A 315 -3.49 -16.55 -20.71
N SER A 316 -2.49 -17.03 -20.01
CA SER A 316 -1.44 -17.84 -20.62
C SER A 316 -1.89 -19.29 -20.69
N VAL A 317 -2.01 -19.82 -21.91
CA VAL A 317 -2.50 -21.16 -22.17
C VAL A 317 -1.32 -22.00 -22.61
N SER A 318 -0.89 -22.94 -21.79
CA SER A 318 0.28 -23.75 -22.05
C SER A 318 -0.11 -25.22 -22.17
N LEU A 319 0.26 -25.85 -23.28
CA LEU A 319 -0.07 -27.24 -23.52
C LEU A 319 1.11 -28.13 -23.16
N GLN A 320 0.88 -29.14 -22.33
CA GLN A 320 1.97 -29.99 -21.89
C GLN A 320 2.32 -31.02 -22.95
N ARG A 321 3.61 -31.14 -23.23
CA ARG A 321 4.13 -32.11 -24.17
C ARG A 321 4.97 -33.13 -23.42
N ALA A 322 5.18 -34.28 -24.06
CA ALA A 322 5.78 -35.42 -23.37
C ALA A 322 7.27 -35.25 -23.17
N SER A 323 7.91 -34.38 -23.95
CA SER A 323 9.35 -34.19 -23.81
C SER A 323 9.70 -33.37 -22.58
N GLY A 324 8.76 -32.63 -22.03
CA GLY A 324 8.98 -31.75 -20.90
C GLY A 324 8.73 -30.29 -21.18
N ASP A 325 8.82 -29.85 -22.43
CA ASP A 325 8.58 -28.47 -22.78
C ASP A 325 7.09 -28.26 -23.00
N PHE A 326 6.64 -27.02 -22.86
CA PHE A 326 5.23 -26.70 -23.01
C PHE A 326 5.07 -25.81 -24.23
N GLN A 327 3.84 -25.69 -24.69
CA GLN A 327 3.50 -24.88 -25.86
C GLN A 327 2.55 -23.78 -25.44
N THR A 328 3.08 -22.58 -25.26
CA THR A 328 2.35 -21.48 -24.64
C THR A 328 1.81 -20.54 -25.71
N THR A 329 0.49 -20.42 -25.78
CA THR A 329 -0.17 -19.38 -26.53
C THR A 329 -0.90 -18.48 -25.54
N LYS A 330 -1.34 -17.32 -26.01
CA LYS A 330 -1.81 -16.28 -25.11
C LYS A 330 -3.15 -15.75 -25.57
N LEU A 331 -4.05 -15.57 -24.63
CA LEU A 331 -5.43 -15.20 -24.91
C LEU A 331 -5.73 -13.90 -24.19
N ASN A 332 -6.15 -12.88 -24.93
CA ASN A 332 -6.32 -11.55 -24.38
C ASN A 332 -7.79 -11.24 -24.13
N GLY A 333 -8.02 -10.24 -23.30
CA GLY A 333 -9.35 -9.86 -22.90
C GLY A 333 -10.00 -8.99 -23.94
N PHE A 334 -11.20 -8.53 -23.60
CA PHE A 334 -12.01 -7.80 -24.57
C PHE A 334 -12.24 -6.35 -24.17
N GLU A 335 -12.82 -6.10 -23.00
CA GLU A 335 -13.11 -4.76 -22.54
C GLU A 335 -12.03 -4.29 -21.58
N VAL A 336 -11.80 -2.97 -21.58
CA VAL A 336 -10.76 -2.40 -20.72
C VAL A 336 -11.26 -2.36 -19.29
N PHE A 337 -10.34 -2.57 -18.34
CA PHE A 337 -10.56 -2.57 -16.89
C PHE A 337 -11.52 -3.65 -16.43
N ALA A 338 -11.80 -4.65 -17.25
CA ALA A 338 -12.76 -5.68 -16.91
C ALA A 338 -12.13 -6.88 -16.22
N ARG A 339 -10.80 -6.94 -16.22
CA ARG A 339 -10.01 -7.95 -15.48
C ARG A 339 -10.31 -9.36 -15.97
N PHE A 340 -10.02 -9.56 -17.25
CA PHE A 340 -10.06 -10.88 -17.87
C PHE A 340 -8.97 -11.75 -17.28
N GLY A 341 -9.31 -12.97 -16.93
CA GLY A 341 -8.33 -13.88 -16.38
C GLY A 341 -8.21 -13.83 -14.88
N SER A 342 -9.17 -13.24 -14.19
CA SER A 342 -9.14 -13.27 -12.74
C SER A 342 -9.55 -14.63 -12.21
N ALA A 343 -10.38 -15.36 -12.94
CA ALA A 343 -10.85 -16.67 -12.53
C ALA A 343 -10.77 -17.60 -13.73
N ILE A 344 -9.99 -18.67 -13.59
CA ILE A 344 -9.90 -19.72 -14.59
C ILE A 344 -10.62 -20.92 -14.02
N ALA A 345 -11.75 -21.29 -14.62
CA ALA A 345 -12.59 -22.37 -14.11
C ALA A 345 -12.64 -23.53 -15.08
N PRO A 346 -12.01 -24.66 -14.76
CA PRO A 346 -12.14 -25.84 -15.63
C PRO A 346 -13.54 -26.42 -15.57
N LEU A 347 -14.16 -26.52 -16.74
CA LEU A 347 -15.53 -27.00 -16.85
C LEU A 347 -15.64 -28.50 -17.08
N GLY A 348 -14.55 -29.18 -17.40
CA GLY A 348 -14.71 -30.52 -17.90
C GLY A 348 -15.26 -30.46 -19.31
N ASP A 349 -15.80 -31.59 -19.75
CA ASP A 349 -16.30 -31.71 -21.11
C ASP A 349 -17.75 -31.24 -21.12
N LEU A 350 -17.93 -29.93 -21.21
CA LEU A 350 -19.24 -29.31 -21.08
C LEU A 350 -20.16 -29.71 -22.22
N ASP A 351 -19.62 -29.74 -23.44
CA ASP A 351 -20.39 -30.06 -24.63
C ASP A 351 -20.43 -31.56 -24.94
N GLN A 352 -19.72 -32.38 -24.17
CA GLN A 352 -19.59 -33.82 -24.37
C GLN A 352 -19.09 -34.13 -25.77
N ASP A 353 -18.04 -33.43 -26.18
CA ASP A 353 -17.46 -33.58 -27.50
C ASP A 353 -16.11 -34.27 -27.48
N GLY A 354 -15.58 -34.60 -26.30
CA GLY A 354 -14.32 -35.28 -26.20
C GLY A 354 -13.15 -34.40 -25.84
N PHE A 355 -13.37 -33.11 -25.62
CA PHE A 355 -12.33 -32.18 -25.22
C PHE A 355 -12.85 -31.33 -24.08
N ASN A 356 -12.01 -31.13 -23.07
CA ASN A 356 -12.41 -30.36 -21.89
C ASN A 356 -12.60 -28.90 -22.25
N ASP A 357 -13.30 -28.18 -21.38
CA ASP A 357 -13.66 -26.78 -21.60
C ASP A 357 -13.25 -25.96 -20.38
N ILE A 358 -13.21 -24.63 -20.55
CA ILE A 358 -12.89 -23.68 -19.48
C ILE A 358 -13.78 -22.47 -19.59
N ALA A 359 -14.35 -22.03 -18.47
CA ALA A 359 -14.93 -20.71 -18.34
C ALA A 359 -13.88 -19.73 -17.82
N ILE A 360 -13.75 -18.58 -18.48
CA ILE A 360 -12.90 -17.49 -18.03
C ILE A 360 -13.77 -16.24 -17.90
N ALA A 361 -13.77 -15.64 -16.72
CA ALA A 361 -14.65 -14.53 -16.43
C ALA A 361 -13.90 -13.20 -16.40
N ALA A 362 -14.64 -12.15 -16.69
CA ALA A 362 -14.20 -10.77 -16.51
C ALA A 362 -15.20 -10.12 -15.58
N PRO A 363 -14.91 -9.99 -14.29
CA PRO A 363 -15.96 -9.65 -13.32
C PRO A 363 -16.44 -8.21 -13.37
N TYR A 364 -15.93 -7.38 -14.29
CA TYR A 364 -16.35 -6.00 -14.39
C TYR A 364 -16.64 -5.65 -15.84
N GLY A 365 -17.22 -6.58 -16.59
CA GLY A 365 -17.48 -6.39 -18.01
C GLY A 365 -18.97 -6.33 -18.33
N GLY A 366 -19.23 -5.95 -19.57
CA GLY A 366 -20.60 -5.95 -20.05
C GLY A 366 -21.27 -4.60 -19.87
N GLU A 367 -22.59 -4.60 -20.03
CA GLU A 367 -23.36 -3.39 -19.76
C GLU A 367 -23.41 -3.15 -18.27
N ASP A 368 -23.02 -1.93 -17.87
CA ASP A 368 -22.92 -1.47 -16.49
C ASP A 368 -21.94 -2.26 -15.66
N LYS A 369 -20.99 -2.95 -16.32
CA LYS A 369 -19.83 -3.61 -15.70
C LYS A 369 -20.24 -4.63 -14.64
N LYS A 370 -21.27 -5.41 -14.97
CA LYS A 370 -21.79 -6.37 -14.01
C LYS A 370 -20.96 -7.63 -13.96
N GLY A 371 -20.41 -8.05 -15.10
CA GLY A 371 -19.54 -9.21 -15.15
C GLY A 371 -19.92 -10.14 -16.26
N ILE A 372 -18.95 -10.63 -17.02
CA ILE A 372 -19.23 -11.59 -18.08
C ILE A 372 -18.36 -12.81 -17.81
N VAL A 373 -18.85 -13.96 -18.25
CA VAL A 373 -18.11 -15.22 -18.25
C VAL A 373 -18.02 -15.70 -19.69
N TYR A 374 -16.82 -16.10 -20.10
CA TYR A 374 -16.52 -16.50 -21.47
C TYR A 374 -16.27 -18.01 -21.51
N ILE A 375 -16.98 -18.70 -22.40
CA ILE A 375 -16.94 -20.15 -22.48
C ILE A 375 -16.07 -20.56 -23.64
N PHE A 376 -14.93 -21.18 -23.36
CA PHE A 376 -13.96 -21.57 -24.36
C PHE A 376 -13.95 -23.09 -24.46
N ASN A 377 -14.06 -23.61 -25.68
CA ASN A 377 -14.09 -25.04 -25.91
C ASN A 377 -12.73 -25.57 -26.33
N GLY A 378 -12.52 -26.84 -26.08
CA GLY A 378 -11.29 -27.48 -26.49
C GLY A 378 -11.36 -27.99 -27.92
N ARG A 379 -10.17 -28.17 -28.50
CA ARG A 379 -10.02 -28.78 -29.80
C ARG A 379 -8.79 -29.67 -29.71
N SER A 380 -8.52 -30.41 -30.78
CA SER A 380 -7.43 -31.38 -30.74
C SER A 380 -6.08 -30.71 -30.72
N THR A 381 -5.97 -29.51 -31.28
CA THR A 381 -4.74 -28.74 -31.27
C THR A 381 -4.51 -28.00 -29.96
N GLY A 382 -5.53 -27.89 -29.12
CA GLY A 382 -5.42 -27.11 -27.90
C GLY A 382 -6.73 -26.46 -27.53
N LEU A 383 -6.74 -25.14 -27.46
CA LEU A 383 -7.93 -24.39 -27.11
C LEU A 383 -8.45 -23.64 -28.32
N ASN A 384 -9.78 -23.51 -28.39
CA ASN A 384 -10.40 -22.63 -29.36
C ASN A 384 -10.38 -21.22 -28.80
N ALA A 385 -9.77 -20.29 -29.53
CA ALA A 385 -9.53 -18.96 -28.97
C ALA A 385 -10.78 -18.09 -28.99
N VAL A 386 -11.73 -18.38 -29.86
CA VAL A 386 -12.98 -17.64 -29.90
C VAL A 386 -13.90 -18.24 -28.84
N PRO A 387 -14.57 -17.45 -28.01
CA PRO A 387 -15.50 -18.02 -27.05
C PRO A 387 -16.76 -18.53 -27.72
N SER A 388 -17.46 -19.42 -27.02
CA SER A 388 -18.69 -19.99 -27.54
C SER A 388 -19.93 -19.28 -27.00
N GLN A 389 -19.90 -18.86 -25.75
CA GLN A 389 -21.05 -18.26 -25.13
C GLN A 389 -20.57 -17.25 -24.10
N ILE A 390 -21.32 -16.15 -23.98
CA ILE A 390 -21.08 -15.16 -22.96
C ILE A 390 -22.17 -15.31 -21.91
N LEU A 391 -21.83 -15.00 -20.66
CA LEU A 391 -22.76 -15.12 -19.54
C LEU A 391 -22.82 -13.79 -18.84
N GLU A 392 -23.84 -13.01 -19.13
CA GLU A 392 -24.00 -11.66 -18.62
C GLU A 392 -24.76 -11.72 -17.30
N GLY A 393 -24.16 -11.19 -16.24
CA GLY A 393 -24.85 -11.11 -14.97
C GLY A 393 -25.94 -10.06 -15.04
N GLN A 394 -27.11 -10.40 -14.49
CA GLN A 394 -28.29 -9.57 -14.59
C GLN A 394 -28.60 -8.81 -13.31
N TRP A 395 -27.63 -8.69 -12.42
CA TRP A 395 -27.83 -8.05 -11.12
C TRP A 395 -27.14 -6.70 -11.11
N ALA A 396 -27.91 -5.65 -10.87
CA ALA A 396 -27.32 -4.32 -10.79
C ALA A 396 -26.57 -4.14 -9.49
N ALA A 397 -25.60 -3.24 -9.52
CA ALA A 397 -24.81 -2.96 -8.32
C ALA A 397 -25.65 -2.19 -7.31
N ARG A 398 -25.31 -2.35 -6.04
CA ARG A 398 -25.96 -1.61 -4.97
C ARG A 398 -25.01 -0.67 -4.26
N SER A 399 -23.93 -1.20 -3.69
CA SER A 399 -22.96 -0.38 -3.00
C SER A 399 -21.53 -0.71 -3.38
N MET A 400 -21.31 -1.84 -4.03
CA MET A 400 -20.04 -2.24 -4.62
C MET A 400 -20.38 -2.89 -5.94
N PRO A 401 -19.39 -3.16 -6.81
CA PRO A 401 -19.68 -3.89 -8.05
C PRO A 401 -20.21 -5.28 -7.78
N PRO A 402 -21.08 -5.81 -8.66
CA PRO A 402 -21.69 -7.11 -8.39
C PRO A 402 -20.72 -8.27 -8.46
N SER A 403 -19.58 -8.10 -9.15
CA SER A 403 -18.46 -9.03 -9.14
C SER A 403 -18.85 -10.41 -9.65
N PHE A 404 -19.64 -10.43 -10.72
CA PHE A 404 -20.15 -11.67 -11.30
C PHE A 404 -19.03 -12.42 -11.98
N GLY A 405 -18.72 -13.61 -11.49
CA GLY A 405 -17.65 -14.38 -12.04
C GLY A 405 -16.34 -14.21 -11.31
N TYR A 406 -16.35 -13.58 -10.14
CA TYR A 406 -15.13 -13.48 -9.35
C TYR A 406 -14.74 -14.84 -8.80
N SER A 407 -15.72 -15.69 -8.54
CA SER A 407 -15.50 -17.08 -8.22
C SER A 407 -16.46 -17.93 -9.02
N MET A 408 -15.95 -19.00 -9.60
CA MET A 408 -16.75 -19.95 -10.35
C MET A 408 -16.27 -21.35 -10.02
N LYS A 409 -17.10 -22.34 -10.36
CA LYS A 409 -16.72 -23.73 -10.19
C LYS A 409 -17.57 -24.59 -11.12
N GLY A 410 -16.92 -25.47 -11.86
CA GLY A 410 -17.64 -26.35 -12.77
C GLY A 410 -17.28 -27.81 -12.58
N ALA A 411 -17.35 -28.58 -13.66
CA ALA A 411 -16.96 -29.99 -13.76
C ALA A 411 -17.73 -30.91 -12.83
N THR A 412 -18.95 -30.53 -12.44
CA THR A 412 -19.82 -31.39 -11.64
C THR A 412 -21.24 -31.22 -12.15
N ASP A 413 -21.86 -32.32 -12.55
CA ASP A 413 -23.22 -32.29 -13.04
C ASP A 413 -24.19 -32.68 -11.93
N ILE A 414 -25.21 -31.84 -11.72
CA ILE A 414 -26.09 -32.05 -10.59
C ILE A 414 -27.33 -32.83 -11.03
N ASP A 415 -27.74 -32.66 -12.28
CA ASP A 415 -28.92 -33.34 -12.80
C ASP A 415 -28.71 -34.82 -13.05
N LYS A 416 -27.47 -35.29 -13.06
CA LYS A 416 -27.09 -36.65 -13.44
C LYS A 416 -27.60 -37.00 -14.85
N ASN A 417 -27.44 -36.06 -15.77
CA ASN A 417 -27.81 -36.27 -17.16
C ASN A 417 -26.63 -36.39 -18.10
N GLY A 418 -25.44 -36.02 -17.67
CA GLY A 418 -24.24 -36.31 -18.41
C GLY A 418 -23.44 -35.11 -18.85
N TRP A 419 -23.93 -33.90 -18.64
CA TRP A 419 -23.26 -32.69 -19.09
C TRP A 419 -22.95 -31.84 -17.86
N PRO A 420 -21.68 -31.55 -17.56
CA PRO A 420 -21.33 -30.87 -16.30
C PRO A 420 -21.90 -29.47 -16.21
N ASP A 421 -21.99 -28.96 -14.99
CA ASP A 421 -22.69 -27.72 -14.74
C ASP A 421 -21.76 -26.73 -14.04
N LEU A 422 -22.16 -25.46 -14.05
CA LEU A 422 -21.30 -24.37 -13.60
C LEU A 422 -22.03 -23.49 -12.61
N ILE A 423 -21.45 -23.34 -11.41
CA ILE A 423 -21.89 -22.36 -10.42
C ILE A 423 -21.00 -21.13 -10.54
N VAL A 424 -21.62 -19.94 -10.47
CA VAL A 424 -20.91 -18.68 -10.57
C VAL A 424 -21.26 -17.82 -9.36
N GLY A 425 -20.25 -17.42 -8.61
CA GLY A 425 -20.45 -16.57 -7.44
C GLY A 425 -20.34 -15.10 -7.80
N ALA A 426 -21.27 -14.31 -7.27
CA ALA A 426 -21.47 -12.92 -7.64
C ALA A 426 -21.61 -12.05 -6.39
N PHE A 427 -20.60 -12.10 -5.53
CA PHE A 427 -20.73 -11.73 -4.12
C PHE A 427 -21.01 -10.27 -3.86
N GLY A 428 -20.96 -9.41 -4.86
CA GLY A 428 -21.25 -8.00 -4.61
C GLY A 428 -22.72 -7.77 -4.32
N VAL A 429 -23.57 -8.61 -4.90
CA VAL A 429 -24.99 -8.61 -4.60
C VAL A 429 -25.39 -9.83 -3.79
N ASP A 430 -24.40 -10.59 -3.29
CA ASP A 430 -24.55 -11.74 -2.39
C ASP A 430 -25.37 -12.86 -3.03
N ARG A 431 -25.00 -13.21 -4.25
CA ARG A 431 -25.70 -14.23 -5.01
C ARG A 431 -24.74 -15.34 -5.38
N ALA A 432 -25.30 -16.46 -5.81
CA ALA A 432 -24.51 -17.56 -6.34
C ALA A 432 -25.39 -18.33 -7.31
N ILE A 433 -25.18 -18.10 -8.60
CA ILE A 433 -26.05 -18.59 -9.66
C ILE A 433 -25.51 -19.91 -10.17
N LEU A 434 -26.40 -20.83 -10.54
CA LEU A 434 -26.04 -22.14 -11.06
C LEU A 434 -26.58 -22.28 -12.47
N TYR A 435 -25.72 -22.67 -13.40
CA TYR A 435 -26.10 -22.88 -14.78
C TYR A 435 -26.09 -24.36 -15.09
N ARG A 436 -27.07 -24.82 -15.85
CA ARG A 436 -27.24 -26.23 -16.18
C ARG A 436 -27.03 -26.44 -17.66
N ALA A 437 -26.15 -27.36 -18.00
CA ALA A 437 -25.82 -27.59 -19.40
C ALA A 437 -26.92 -28.40 -20.07
N ARG A 438 -27.18 -28.08 -21.33
CA ARG A 438 -28.25 -28.72 -22.05
C ARG A 438 -27.72 -29.85 -22.91
N PRO A 439 -28.56 -30.86 -23.20
CA PRO A 439 -28.17 -31.90 -24.14
C PRO A 439 -28.00 -31.38 -25.54
N VAL A 440 -26.94 -31.86 -26.21
CA VAL A 440 -26.65 -31.49 -27.58
C VAL A 440 -26.83 -32.70 -28.47
N GLU B 1 32.85 15.54 22.34
CA GLU B 1 31.44 15.69 22.02
C GLU B 1 31.13 17.15 21.73
N VAL B 2 29.84 17.48 21.66
CA VAL B 2 29.42 18.83 21.33
C VAL B 2 29.41 19.66 22.60
N GLN B 3 30.16 20.76 22.61
CA GLN B 3 30.19 21.68 23.74
C GLN B 3 29.52 22.97 23.32
N LEU B 4 28.44 23.31 24.01
CA LEU B 4 27.76 24.58 23.82
C LEU B 4 28.22 25.55 24.90
N VAL B 5 28.86 26.64 24.50
CA VAL B 5 29.41 27.62 25.43
C VAL B 5 28.69 28.94 25.20
N GLN B 6 28.12 29.50 26.25
CA GLN B 6 27.30 30.69 26.13
C GLN B 6 28.07 31.94 26.54
N SER B 7 27.34 33.05 26.57
CA SER B 7 27.89 34.33 27.00
C SER B 7 27.78 34.46 28.52
N GLY B 8 28.29 35.56 29.05
CA GLY B 8 28.33 35.76 30.48
C GLY B 8 26.99 36.17 31.04
N ALA B 9 26.99 36.43 32.35
CA ALA B 9 25.76 36.80 33.02
C ALA B 9 25.40 38.24 32.71
N GLU B 10 24.11 38.53 32.77
CA GLU B 10 23.60 39.81 32.34
C GLU B 10 22.72 40.40 33.42
N VAL B 11 22.51 41.71 33.34
CA VAL B 11 21.56 42.42 34.17
C VAL B 11 21.10 43.64 33.38
N LYS B 12 19.78 43.87 33.36
CA LYS B 12 19.26 44.87 32.44
C LYS B 12 17.89 45.34 32.91
N LYS B 13 17.73 46.66 32.99
CA LYS B 13 16.50 47.33 33.45
C LYS B 13 15.31 46.95 32.58
N PRO B 14 14.08 47.05 33.11
CA PRO B 14 12.90 46.65 32.33
C PRO B 14 12.66 47.54 31.12
N GLY B 15 12.13 46.93 30.07
CA GLY B 15 11.95 47.64 28.82
C GLY B 15 13.17 47.68 27.95
N ALA B 16 14.12 46.78 28.15
CA ALA B 16 15.37 46.74 27.40
C ALA B 16 15.44 45.42 26.65
N SER B 17 16.63 45.10 26.15
CA SER B 17 16.86 43.85 25.44
C SER B 17 18.12 43.17 25.96
N VAL B 18 18.30 41.92 25.58
CA VAL B 18 19.46 41.13 25.97
C VAL B 18 19.75 40.13 24.86
N LYS B 19 21.02 39.98 24.52
CA LYS B 19 21.43 39.09 23.43
C LYS B 19 22.40 38.08 23.99
N VAL B 20 21.97 36.83 24.09
CA VAL B 20 22.80 35.76 24.62
C VAL B 20 23.37 34.96 23.46
N SER B 21 24.53 34.39 23.67
CA SER B 21 25.25 33.63 22.66
C SER B 21 25.19 32.16 23.00
N CYS B 22 25.43 31.33 21.99
CA CYS B 22 25.58 29.89 22.20
C CYS B 22 26.42 29.36 21.07
N LYS B 23 27.71 29.18 21.30
CA LYS B 23 28.63 28.77 20.26
C LYS B 23 28.68 27.25 20.23
N ALA B 24 28.10 26.67 19.19
CA ALA B 24 28.19 25.24 19.01
C ALA B 24 29.61 24.84 18.63
N SER B 25 30.03 23.68 19.11
CA SER B 25 31.38 23.25 18.86
C SER B 25 31.38 21.74 18.76
N GLY B 26 32.56 21.14 18.87
CA GLY B 26 32.68 19.69 18.88
C GLY B 26 32.38 19.08 17.53
N TYR B 27 31.20 18.48 17.41
CA TYR B 27 30.77 17.80 16.19
C TYR B 27 29.53 18.49 15.65
N THR B 28 29.72 19.32 14.63
CA THR B 28 28.62 20.03 13.98
C THR B 28 28.42 19.45 12.59
N PHE B 29 27.24 18.88 12.34
CA PHE B 29 26.91 18.24 11.08
C PHE B 29 25.80 18.95 10.34
N THR B 30 25.44 20.17 10.78
CA THR B 30 24.63 21.16 10.08
C THR B 30 23.14 20.77 10.05
N ASN B 31 22.80 19.55 10.50
CA ASN B 31 21.42 19.15 10.62
C ASN B 31 20.86 19.38 12.02
N TYR B 32 21.49 20.22 12.82
CA TYR B 32 21.08 20.44 14.18
C TYR B 32 20.32 21.76 14.29
N GLY B 33 19.63 21.92 15.41
CA GLY B 33 18.96 23.17 15.72
C GLY B 33 19.15 23.52 17.17
N ILE B 34 19.44 24.79 17.41
CA ILE B 34 19.71 25.29 18.75
C ILE B 34 18.42 25.84 19.32
N ASN B 35 18.05 25.35 20.49
CA ASN B 35 16.86 25.78 21.22
C ASN B 35 17.29 26.71 22.34
N TRP B 36 16.31 27.36 22.95
CA TRP B 36 16.52 28.05 24.21
C TRP B 36 15.38 27.76 25.16
N VAL B 37 15.74 27.56 26.43
CA VAL B 37 14.79 27.19 27.46
C VAL B 37 15.04 28.08 28.67
N ARG B 38 13.97 28.43 29.36
CA ARG B 38 13.98 29.38 30.46
C ARG B 38 13.67 28.64 31.74
N GLN B 39 14.49 28.83 32.77
CA GLN B 39 14.21 28.25 34.08
C GLN B 39 14.13 29.37 35.11
N ALA B 40 12.91 29.85 35.33
CA ALA B 40 12.62 30.82 36.37
C ALA B 40 12.94 30.22 37.74
N PRO B 41 13.34 31.06 38.73
CA PRO B 41 13.82 30.50 40.00
C PRO B 41 12.74 29.84 40.83
N GLY B 42 12.76 28.52 40.88
CA GLY B 42 11.74 27.77 41.58
C GLY B 42 10.56 27.40 40.70
N GLN B 43 10.73 27.40 39.39
CA GLN B 43 9.70 26.96 38.48
C GLN B 43 10.31 26.05 37.42
N GLY B 44 9.44 25.42 36.65
CA GLY B 44 9.88 24.43 35.68
C GLY B 44 10.53 25.06 34.45
N LEU B 45 11.00 24.17 33.58
CA LEU B 45 11.65 24.59 32.35
C LEU B 45 10.62 25.10 31.36
N GLU B 46 11.00 26.10 30.58
CA GLU B 46 10.06 26.78 29.70
C GLU B 46 10.64 26.96 28.31
N TRP B 47 9.92 26.43 27.32
CA TRP B 47 10.32 26.49 25.92
C TRP B 47 10.16 27.87 25.35
N MET B 48 11.20 28.35 24.67
CA MET B 48 11.18 29.67 24.06
C MET B 48 11.15 29.58 22.54
N GLY B 49 12.08 28.86 21.94
CA GLY B 49 12.07 28.76 20.50
C GLY B 49 13.13 27.83 19.96
N TYR B 50 13.21 27.80 18.63
CA TYR B 50 14.03 26.88 17.85
C TYR B 50 14.66 27.64 16.69
N PHE B 51 15.88 27.26 16.33
CA PHE B 51 16.57 27.83 15.18
C PHE B 51 17.33 26.73 14.47
N TYR B 52 16.86 26.34 13.30
CA TYR B 52 17.54 25.30 12.52
C TYR B 52 18.72 25.90 11.76
N ILE B 53 19.85 25.20 11.79
CA ILE B 53 21.10 25.79 11.32
C ILE B 53 21.27 25.68 9.80
N GLY B 54 20.68 24.68 9.16
CA GLY B 54 20.72 24.58 7.72
C GLY B 54 19.98 25.70 6.99
N ASN B 55 18.74 25.94 7.36
CA ASN B 55 17.95 26.97 6.69
C ASN B 55 18.10 28.33 7.32
N GLY B 56 18.31 28.39 8.63
CA GLY B 56 17.94 29.58 9.33
C GLY B 56 16.47 29.62 9.66
N TYR B 57 15.79 28.49 9.58
CA TYR B 57 14.38 28.43 9.88
C TYR B 57 14.15 28.52 11.39
N THR B 58 13.12 29.29 11.77
CA THR B 58 12.79 29.54 13.16
C THR B 58 11.44 28.96 13.50
N GLU B 59 11.28 28.57 14.75
CA GLU B 59 10.00 28.16 15.32
C GLU B 59 9.93 28.72 16.73
N TYR B 60 8.86 29.43 17.05
CA TYR B 60 8.76 30.20 18.28
C TYR B 60 7.59 29.73 19.13
N ASN B 61 7.55 30.23 20.37
CA ASN B 61 6.47 29.97 21.30
C ASN B 61 5.48 31.11 21.24
N GLU B 62 4.19 30.79 21.32
CA GLU B 62 3.17 31.81 21.13
C GLU B 62 3.01 32.71 22.34
N LYS B 63 3.46 32.28 23.51
CA LYS B 63 3.43 33.17 24.68
C LYS B 63 4.49 34.25 24.55
N PHE B 64 5.60 33.94 23.90
CA PHE B 64 6.73 34.84 23.74
C PHE B 64 6.71 35.57 22.41
N LYS B 65 5.63 35.43 21.63
CA LYS B 65 5.66 35.82 20.23
C LYS B 65 5.68 37.33 20.09
N GLY B 66 6.52 37.81 19.19
CA GLY B 66 6.73 39.24 19.04
C GLY B 66 7.75 39.81 19.98
N ARG B 67 8.35 39.00 20.84
CA ARG B 67 9.37 39.46 21.76
C ARG B 67 10.69 38.73 21.59
N VAL B 68 10.73 37.62 20.86
CA VAL B 68 11.91 36.79 20.76
C VAL B 68 12.35 36.73 19.31
N THR B 69 13.66 36.82 19.09
CA THR B 69 14.23 36.77 17.75
C THR B 69 15.54 36.02 17.82
N MET B 70 15.73 35.08 16.91
CA MET B 70 16.92 34.26 16.88
C MET B 70 17.63 34.42 15.55
N THR B 71 18.86 34.90 15.60
CA THR B 71 19.74 35.02 14.45
C THR B 71 20.97 34.15 14.70
N SER B 72 21.92 34.20 13.77
CA SER B 72 23.08 33.31 13.90
C SER B 72 24.28 33.86 13.15
N ASP B 73 25.41 33.20 13.38
CA ASP B 73 26.66 33.45 12.67
C ASP B 73 27.14 32.11 12.15
N THR B 74 27.37 32.03 10.83
CA THR B 74 27.63 30.75 10.21
C THR B 74 29.07 30.31 10.40
N SER B 75 30.02 31.23 10.23
CA SER B 75 31.43 30.84 10.24
C SER B 75 31.92 30.52 11.64
N THR B 76 31.42 31.23 12.66
CA THR B 76 31.80 30.95 14.02
C THR B 76 30.88 29.96 14.72
N SER B 77 29.77 29.57 14.06
CA SER B 77 28.77 28.63 14.57
C SER B 77 28.18 29.10 15.90
N THR B 78 27.98 30.40 16.02
CA THR B 78 27.41 31.00 17.22
C THR B 78 26.01 31.45 16.89
N VAL B 79 25.03 30.97 17.64
CA VAL B 79 23.64 31.30 17.39
C VAL B 79 23.18 32.23 18.51
N TYR B 80 22.38 33.23 18.16
CA TYR B 80 22.03 34.29 19.07
C TYR B 80 20.53 34.26 19.34
N MET B 81 20.15 34.68 20.55
CA MET B 81 18.76 34.90 20.92
C MET B 81 18.64 36.31 21.44
N GLU B 82 17.62 37.02 21.02
CA GLU B 82 17.39 38.39 21.49
C GLU B 82 15.97 38.52 21.99
N LEU B 83 15.81 38.52 23.31
CA LEU B 83 14.57 38.92 23.96
C LEU B 83 14.50 40.44 24.01
N SER B 84 13.34 40.97 23.69
CA SER B 84 13.09 42.40 23.75
C SER B 84 11.87 42.66 24.63
N SER B 85 11.75 43.91 25.05
CA SER B 85 10.69 44.38 25.95
C SER B 85 10.66 43.57 27.24
N LEU B 86 11.81 43.53 27.92
CA LEU B 86 11.98 42.74 29.12
C LEU B 86 11.14 43.28 30.26
N ARG B 87 10.63 42.36 31.07
CA ARG B 87 9.85 42.67 32.26
C ARG B 87 10.58 42.08 33.46
N SER B 88 10.06 42.38 34.66
CA SER B 88 10.66 41.87 35.88
C SER B 88 10.38 40.39 36.09
N GLU B 89 9.41 39.82 35.37
CA GLU B 89 9.10 38.41 35.46
C GLU B 89 9.91 37.55 34.50
N ASP B 90 10.86 38.15 33.79
CA ASP B 90 11.74 37.44 32.87
C ASP B 90 13.07 37.06 33.51
N THR B 91 13.19 37.25 34.81
CA THR B 91 14.43 36.97 35.53
C THR B 91 14.62 35.47 35.65
N ALA B 92 15.63 34.92 34.98
CA ALA B 92 15.78 33.47 34.96
C ALA B 92 17.19 33.09 34.56
N VAL B 93 17.39 31.79 34.34
CA VAL B 93 18.65 31.23 33.86
C VAL B 93 18.37 30.54 32.53
N TYR B 94 19.12 30.93 31.50
CA TYR B 94 18.81 30.57 30.12
C TYR B 94 19.80 29.56 29.60
N TYR B 95 19.30 28.44 29.10
CA TYR B 95 20.11 27.37 28.54
C TYR B 95 19.91 27.34 27.04
N CYS B 96 20.84 26.71 26.32
CA CYS B 96 20.71 26.57 24.88
C CYS B 96 20.80 25.10 24.51
N ALA B 97 19.77 24.59 23.85
CA ALA B 97 19.63 23.15 23.66
C ALA B 97 19.77 22.75 22.20
N LEU B 98 20.56 21.71 21.94
CA LEU B 98 20.90 21.26 20.60
C LEU B 98 20.20 19.95 20.27
N ASN B 99 19.52 19.93 19.13
CA ASN B 99 18.85 18.74 18.60
C ASN B 99 19.69 18.12 17.52
N TYR B 100 19.10 17.16 16.84
CA TYR B 100 19.36 16.87 15.45
C TYR B 100 18.01 16.80 14.76
N PHE B 101 18.01 16.62 13.45
CA PHE B 101 16.76 16.73 12.72
C PHE B 101 15.90 15.50 12.97
N GLY B 102 14.60 15.74 13.13
CA GLY B 102 13.64 14.68 13.31
C GLY B 102 13.46 14.21 14.74
N SER B 103 14.50 14.30 15.57
CA SER B 103 14.45 13.88 16.96
C SER B 103 14.57 15.14 17.81
N ARG B 104 13.44 15.63 18.30
CA ARG B 104 13.39 16.91 18.99
C ARG B 104 13.54 16.72 20.50
N LYS B 105 14.56 15.98 20.88
CA LYS B 105 14.99 15.84 22.26
C LYS B 105 16.29 16.62 22.43
N PHE B 106 16.60 16.99 23.65
CA PHE B 106 17.66 17.96 23.91
C PHE B 106 18.91 17.19 24.28
N ASP B 107 19.75 16.95 23.27
CA ASP B 107 20.91 16.11 23.49
C ASP B 107 21.98 16.84 24.26
N TYR B 108 22.17 18.12 23.99
CA TYR B 108 23.23 18.91 24.60
C TYR B 108 22.68 20.24 25.08
N TRP B 109 23.24 20.73 26.18
CA TRP B 109 22.73 21.86 26.94
C TRP B 109 23.74 22.96 27.19
N GLY B 110 24.97 22.62 27.54
CA GLY B 110 25.92 23.64 27.96
C GLY B 110 25.62 24.27 29.30
N GLN B 111 26.40 25.29 29.67
CA GLN B 111 26.20 26.04 30.89
C GLN B 111 24.97 26.93 30.78
N GLY B 112 24.73 27.70 31.82
CA GLY B 112 23.66 28.66 31.79
C GLY B 112 24.15 30.07 31.78
N THR B 113 23.23 30.99 31.52
CA THR B 113 23.49 32.42 31.69
C THR B 113 22.39 32.98 32.56
N THR B 114 22.73 33.91 33.44
CA THR B 114 21.80 34.39 34.45
C THR B 114 21.39 35.80 34.08
N VAL B 115 20.11 35.99 33.81
CA VAL B 115 19.57 37.30 33.50
C VAL B 115 18.81 37.84 34.69
N THR B 116 19.20 39.02 35.17
CA THR B 116 18.53 39.73 36.24
C THR B 116 17.89 40.97 35.63
N VAL B 117 16.80 41.47 36.21
CA VAL B 117 16.11 42.56 35.53
C VAL B 117 16.10 43.88 36.32
N SER B 118 15.41 43.93 37.46
CA SER B 118 14.93 45.20 37.99
C SER B 118 16.01 46.01 38.69
N SER B 119 16.15 47.28 38.26
CA SER B 119 16.88 48.35 38.96
C SER B 119 18.34 48.10 39.32
N GLU C 1 -0.94 23.05 22.25
CA GLU C 1 -0.39 22.99 23.59
C GLU C 1 -0.75 21.67 24.27
N ILE C 2 0.26 20.84 24.50
CA ILE C 2 0.09 19.56 25.14
C ILE C 2 0.55 19.72 26.59
N VAL C 3 -0.39 19.74 27.51
CA VAL C 3 -0.07 19.94 28.92
C VAL C 3 0.36 18.61 29.50
N LEU C 4 1.51 18.59 30.14
CA LEU C 4 2.05 17.37 30.75
C LEU C 4 1.95 17.51 32.26
N THR C 5 1.07 16.70 32.86
CA THR C 5 0.85 16.73 34.30
C THR C 5 1.63 15.59 34.93
N GLN C 6 2.43 15.91 35.92
CA GLN C 6 3.38 15.00 36.52
C GLN C 6 3.12 14.93 38.02
N SER C 7 3.13 13.70 38.55
CA SER C 7 2.76 13.48 39.93
C SER C 7 3.72 12.47 40.53
N PRO C 8 4.13 12.65 41.81
CA PRO C 8 3.78 13.71 42.74
C PRO C 8 4.59 14.98 42.52
N ALA C 9 4.28 16.04 43.25
CA ALA C 9 5.10 17.24 43.14
C ALA C 9 6.42 17.05 43.85
N THR C 10 6.41 16.45 45.03
CA THR C 10 7.62 16.06 45.73
C THR C 10 7.46 14.64 46.20
N LEU C 11 8.59 14.00 46.50
CA LEU C 11 8.59 12.56 46.72
C LEU C 11 9.75 12.23 47.64
N SER C 12 9.46 12.06 48.92
CA SER C 12 10.48 11.92 49.95
C SER C 12 10.73 10.44 50.23
N LEU C 13 11.92 9.97 49.90
CA LEU C 13 12.26 8.57 50.07
C LEU C 13 13.61 8.45 50.75
N SER C 14 14.03 7.21 50.93
CA SER C 14 15.25 6.80 51.61
C SER C 14 16.27 6.31 50.61
N PRO C 15 17.56 6.39 50.93
CA PRO C 15 18.58 5.88 50.00
C PRO C 15 18.59 4.36 49.95
N GLY C 16 18.57 3.83 48.73
CA GLY C 16 18.54 2.40 48.51
C GLY C 16 17.19 1.85 48.13
N GLU C 17 16.13 2.63 48.23
CA GLU C 17 14.79 2.17 47.94
C GLU C 17 14.52 2.19 46.44
N ARG C 18 13.26 2.00 46.08
CA ARG C 18 12.84 2.11 44.69
C ARG C 18 11.80 3.21 44.55
N ALA C 19 11.93 4.00 43.49
CA ALA C 19 11.07 5.16 43.26
C ALA C 19 10.42 5.07 41.90
N THR C 20 9.16 5.51 41.84
CA THR C 20 8.41 5.56 40.58
C THR C 20 7.82 6.96 40.41
N LEU C 21 7.87 7.46 39.19
CA LEU C 21 7.50 8.83 38.89
C LEU C 21 6.59 8.82 37.67
N SER C 22 5.33 9.15 37.86
CA SER C 22 4.37 9.09 36.79
C SER C 22 4.40 10.39 35.99
N CYS C 23 3.81 10.34 34.81
CA CYS C 23 3.76 11.48 33.90
C CYS C 23 2.65 11.24 32.90
N ARG C 24 1.60 12.06 32.96
CA ARG C 24 0.48 11.96 32.05
C ARG C 24 0.61 13.00 30.97
N ALA C 25 -0.20 12.85 29.93
CA ALA C 25 -0.15 13.71 28.77
C ALA C 25 -1.54 14.20 28.46
N SER C 26 -1.63 15.25 27.66
CA SER C 26 -2.94 15.76 27.27
C SER C 26 -3.54 14.93 26.16
N GLN C 27 -2.70 14.35 25.29
CA GLN C 27 -3.17 13.50 24.23
C GLN C 27 -2.12 12.44 23.97
N ASN C 28 -2.33 11.65 22.92
CA ASN C 28 -1.45 10.53 22.64
C ASN C 28 -0.13 11.00 22.05
N ILE C 29 0.93 10.85 22.82
CA ILE C 29 2.27 10.90 22.27
C ILE C 29 2.79 9.47 22.33
N ILE C 30 3.13 8.93 21.17
CA ILE C 30 3.36 7.50 21.07
C ILE C 30 4.85 7.25 21.29
N THR C 31 5.22 7.11 22.56
CA THR C 31 6.62 7.09 23.03
C THR C 31 7.42 8.26 22.49
N ASN C 32 6.83 9.44 22.53
CA ASN C 32 7.50 10.69 22.23
C ASN C 32 7.85 11.46 23.49
N LEU C 33 8.22 10.77 24.56
CA LEU C 33 8.47 11.41 25.84
C LEU C 33 9.88 11.09 26.29
N HIS C 34 10.56 12.08 26.85
CA HIS C 34 11.94 11.97 27.25
C HIS C 34 12.03 12.41 28.72
N TRP C 35 13.07 11.95 29.40
CA TRP C 35 13.20 12.18 30.83
C TRP C 35 14.52 12.85 31.14
N TYR C 36 14.51 13.84 32.03
CA TYR C 36 15.68 14.65 32.32
C TYR C 36 15.95 14.68 33.82
N GLN C 37 17.23 14.78 34.16
CA GLN C 37 17.68 14.96 35.53
C GLN C 37 18.34 16.31 35.66
N GLN C 38 17.90 17.10 36.63
CA GLN C 38 18.55 18.37 36.91
C GLN C 38 18.94 18.45 38.37
N LYS C 39 20.23 18.32 38.63
CA LYS C 39 20.80 18.63 39.92
C LYS C 39 20.77 20.14 40.13
N PRO C 40 20.85 20.62 41.38
CA PRO C 40 20.86 22.06 41.59
C PRO C 40 22.17 22.69 41.12
N GLY C 41 22.03 23.79 40.37
CA GLY C 41 23.19 24.48 39.84
C GLY C 41 23.69 23.98 38.51
N GLN C 42 22.95 23.07 37.86
CA GLN C 42 23.43 22.45 36.64
C GLN C 42 22.33 22.47 35.59
N ALA C 43 22.70 22.08 34.38
CA ALA C 43 21.78 21.93 33.29
C ALA C 43 21.04 20.61 33.41
N PRO C 44 19.86 20.49 32.79
CA PRO C 44 19.19 19.21 32.78
C PRO C 44 19.95 18.19 31.95
N ARG C 45 19.93 16.95 32.38
CA ARG C 45 20.68 15.89 31.73
C ARG C 45 19.72 14.78 31.32
N LEU C 46 19.67 14.48 30.02
CA LEU C 46 18.75 13.49 29.48
C LEU C 46 19.08 12.10 29.99
N LEU C 47 18.06 11.41 30.50
CA LEU C 47 18.22 10.08 31.05
C LEU C 47 17.67 8.99 30.15
N ILE C 48 16.44 9.14 29.67
CA ILE C 48 15.77 8.15 28.83
C ILE C 48 15.15 8.86 27.65
N LYS C 49 15.43 8.36 26.45
CA LYS C 49 14.82 8.85 25.23
C LYS C 49 13.76 7.89 24.73
N TYR C 50 12.67 8.46 24.22
CA TYR C 50 11.56 7.74 23.57
C TYR C 50 10.92 6.73 24.50
N ALA C 51 10.88 7.11 25.78
CA ALA C 51 10.18 6.51 26.91
C ALA C 51 10.78 5.19 27.38
N SER C 52 11.70 4.59 26.64
CA SER C 52 12.30 3.35 27.13
C SER C 52 13.75 3.13 26.74
N GLN C 53 14.38 4.00 25.98
CA GLN C 53 15.72 3.75 25.49
C GLN C 53 16.71 4.42 26.42
N SER C 54 17.80 3.74 26.71
CA SER C 54 18.76 4.21 27.68
C SER C 54 19.82 5.03 26.94
N ILE C 55 20.07 6.23 27.45
CA ILE C 55 21.22 7.01 27.03
C ILE C 55 22.48 6.29 27.47
N SER C 56 23.47 6.20 26.59
CA SER C 56 24.72 5.56 26.94
C SER C 56 25.50 6.42 27.92
N GLY C 57 26.21 5.76 28.83
CA GLY C 57 26.94 6.45 29.87
C GLY C 57 26.18 6.65 31.16
N ILE C 58 24.96 6.15 31.24
CA ILE C 58 24.09 6.32 32.40
C ILE C 58 23.89 4.97 33.07
N PRO C 59 24.04 4.87 34.39
CA PRO C 59 23.86 3.58 35.06
C PRO C 59 22.43 3.10 34.98
N ALA C 60 22.29 1.81 34.65
CA ALA C 60 21.01 1.25 34.24
C ALA C 60 20.10 0.89 35.40
N ARG C 61 19.91 1.81 36.33
CA ARG C 61 18.79 1.75 37.25
C ARG C 61 17.64 2.61 36.80
N PHE C 62 17.89 3.48 35.83
CA PHE C 62 16.91 4.41 35.30
C PHE C 62 16.25 3.75 34.10
N SER C 63 15.01 3.30 34.26
CA SER C 63 14.35 2.64 33.16
C SER C 63 12.91 3.08 33.11
N GLY C 64 12.48 3.52 31.94
CA GLY C 64 11.14 4.03 31.80
C GLY C 64 10.23 3.10 31.04
N SER C 65 8.93 3.30 31.17
CA SER C 65 7.96 2.55 30.39
C SER C 65 6.69 3.37 30.32
N GLY C 66 5.91 3.11 29.30
CA GLY C 66 4.69 3.86 29.10
C GLY C 66 4.56 4.27 27.66
N SER C 67 3.34 4.62 27.28
CA SER C 67 3.05 5.02 25.92
C SER C 67 1.76 5.80 25.92
N GLY C 68 1.50 6.49 24.83
CA GLY C 68 0.22 7.16 24.68
C GLY C 68 0.10 8.36 25.58
N THR C 69 -0.62 8.18 26.68
CA THR C 69 -0.80 9.22 27.67
C THR C 69 0.04 9.03 28.94
N ASP C 70 -0.01 7.87 29.60
CA ASP C 70 0.57 7.72 30.93
C ASP C 70 1.91 7.02 30.87
N PHE C 71 2.97 7.71 31.30
CA PHE C 71 4.30 7.15 31.22
C PHE C 71 4.90 7.14 32.62
N THR C 72 5.92 6.32 32.83
CA THR C 72 6.55 6.21 34.13
C THR C 72 8.06 6.22 34.02
N LEU C 73 8.71 6.50 35.14
CA LEU C 73 10.15 6.43 35.29
C LEU C 73 10.46 5.71 36.59
N THR C 74 11.26 4.66 36.50
CA THR C 74 11.48 3.79 37.65
C THR C 74 12.97 3.69 37.95
N ILE C 75 13.32 3.98 39.20
CA ILE C 75 14.68 3.86 39.69
C ILE C 75 14.73 2.60 40.51
N SER C 76 15.70 1.72 40.21
CA SER C 76 15.77 0.43 40.89
C SER C 76 16.21 0.60 42.33
N SER C 77 17.44 1.07 42.53
CA SER C 77 18.00 1.32 43.85
C SER C 77 18.33 2.80 43.94
N LEU C 78 17.57 3.51 44.77
CA LEU C 78 17.65 4.97 44.81
C LEU C 78 18.96 5.37 45.48
N GLU C 79 19.97 5.57 44.65
CA GLU C 79 21.29 5.97 45.08
C GLU C 79 21.25 7.39 45.65
N PRO C 80 22.22 7.78 46.49
CA PRO C 80 22.16 9.12 47.09
C PRO C 80 22.40 10.25 46.11
N GLU C 81 23.01 9.97 44.95
CA GLU C 81 23.19 10.98 43.93
C GLU C 81 21.95 11.16 43.07
N ASP C 82 20.96 10.27 43.20
CA ASP C 82 19.81 10.32 42.32
C ASP C 82 18.81 11.38 42.73
N PHE C 83 19.01 12.02 43.88
CA PHE C 83 18.03 12.96 44.40
C PHE C 83 18.14 14.29 43.68
N ALA C 84 17.20 14.56 42.79
CA ALA C 84 17.21 15.74 41.95
C ALA C 84 15.77 16.01 41.52
N VAL C 85 15.59 16.93 40.59
CA VAL C 85 14.28 17.25 40.05
C VAL C 85 14.18 16.67 38.64
N TYR C 86 13.13 15.90 38.39
CA TYR C 86 13.04 15.10 37.17
C TYR C 86 11.91 15.64 36.30
N PHE C 87 12.16 15.71 34.99
CA PHE C 87 11.25 16.39 34.06
C PHE C 87 10.84 15.46 32.93
N CYS C 88 9.62 15.64 32.45
CA CYS C 88 9.15 15.03 31.21
C CYS C 88 9.31 16.03 30.09
N GLN C 89 9.36 15.55 28.85
CA GLN C 89 9.42 16.47 27.72
C GLN C 89 8.76 15.85 26.52
N GLN C 90 7.63 16.42 26.14
CA GLN C 90 6.91 16.05 24.95
C GLN C 90 7.63 16.49 23.70
N SER C 91 7.82 15.55 22.77
CA SER C 91 8.41 15.84 21.47
C SER C 91 7.49 15.45 20.33
N ASP C 92 6.18 15.60 20.50
CA ASP C 92 5.26 15.11 19.50
C ASP C 92 4.85 16.20 18.51
N ASP C 93 4.86 17.46 18.96
CA ASP C 93 4.32 18.55 18.17
C ASP C 93 4.93 19.84 18.71
N TRP C 94 4.83 20.92 17.93
CA TRP C 94 5.25 22.20 18.48
C TRP C 94 4.07 22.85 19.19
N PRO C 95 4.25 23.56 20.32
CA PRO C 95 5.45 23.89 21.09
C PRO C 95 5.99 22.69 21.79
N LEU C 96 7.31 22.60 21.95
CA LEU C 96 7.82 21.59 22.86
C LEU C 96 7.42 22.00 24.26
N THR C 97 6.99 21.03 25.08
CA THR C 97 6.59 21.35 26.43
C THR C 97 7.33 20.45 27.40
N PHE C 98 7.29 20.85 28.66
CA PHE C 98 7.83 20.09 29.77
C PHE C 98 6.73 19.79 30.77
N GLY C 99 7.03 18.92 31.71
CA GLY C 99 6.26 18.77 32.93
C GLY C 99 6.88 19.66 33.98
N GLN C 100 6.17 19.88 35.09
CA GLN C 100 6.64 20.84 36.07
C GLN C 100 7.75 20.30 36.95
N GLY C 101 7.97 19.01 36.95
CA GLY C 101 9.07 18.51 37.74
C GLY C 101 8.59 17.74 38.95
N THR C 102 9.47 16.89 39.47
CA THR C 102 9.24 16.15 40.70
C THR C 102 10.51 16.17 41.52
N LYS C 103 10.48 16.84 42.66
CA LYS C 103 11.61 16.85 43.58
C LYS C 103 11.74 15.48 44.23
N LEU C 104 12.92 15.22 44.77
CA LEU C 104 13.18 13.91 45.32
C LEU C 104 14.09 14.04 46.52
N ASN D 1 -7.72 28.08 -34.07
CA ASN D 1 -7.80 27.91 -32.63
C ASN D 1 -8.44 29.12 -31.96
N GLU D 2 -7.70 30.23 -31.95
CA GLU D 2 -8.02 31.54 -31.39
C GLU D 2 -8.17 31.54 -29.87
N ILE D 3 -7.94 30.42 -29.18
CA ILE D 3 -7.96 30.35 -27.72
C ILE D 3 -6.67 29.75 -27.18
N ASN D 4 -6.27 28.59 -27.69
CA ASN D 4 -5.11 27.90 -27.17
C ASN D 4 -3.84 28.56 -27.67
N THR D 5 -2.90 28.79 -26.77
CA THR D 5 -1.64 29.40 -27.14
C THR D 5 -0.57 28.39 -27.48
N GLN D 6 -0.82 27.10 -27.23
CA GLN D 6 0.20 26.08 -27.39
C GLN D 6 -0.13 25.14 -28.53
N VAL D 7 -1.36 24.62 -28.58
CA VAL D 7 -1.77 23.69 -29.59
C VAL D 7 -2.72 24.37 -30.55
N THR D 8 -2.40 24.31 -31.84
CA THR D 8 -3.19 24.95 -32.84
C THR D 8 -3.43 23.92 -33.94
N PRO D 9 -4.68 23.78 -34.42
CA PRO D 9 -5.88 24.48 -34.01
C PRO D 9 -6.53 23.85 -32.79
N GLY D 10 -7.61 24.47 -32.31
CA GLY D 10 -8.26 23.98 -31.11
C GLY D 10 -9.56 23.28 -31.39
N GLU D 11 -10.12 23.49 -32.58
CA GLU D 11 -11.41 22.89 -32.92
C GLU D 11 -11.50 22.75 -34.43
N VAL D 12 -11.50 21.51 -34.92
CA VAL D 12 -11.68 21.24 -36.34
C VAL D 12 -12.84 20.27 -36.49
N SER D 13 -13.70 20.54 -37.47
CA SER D 13 -14.88 19.73 -37.74
C SER D 13 -14.67 18.99 -39.06
N ILE D 14 -14.76 17.66 -39.00
CA ILE D 14 -14.47 16.80 -40.14
C ILE D 14 -15.70 15.97 -40.44
N GLN D 15 -16.20 16.07 -41.68
CA GLN D 15 -17.33 15.27 -42.13
C GLN D 15 -16.81 14.18 -43.05
N LEU D 16 -17.17 12.94 -42.78
CA LEU D 16 -16.64 11.81 -43.52
C LEU D 16 -17.75 10.84 -43.93
N ARG D 17 -17.76 10.49 -45.21
CA ARG D 17 -18.39 9.29 -45.74
C ARG D 17 -17.37 8.16 -45.75
N PRO D 18 -17.76 6.93 -45.38
CA PRO D 18 -16.77 5.86 -45.19
C PRO D 18 -16.04 5.47 -46.46
N GLY D 19 -14.83 4.94 -46.28
CA GLY D 19 -13.93 4.67 -47.39
C GLY D 19 -13.20 5.89 -47.88
N ALA D 20 -13.11 6.92 -47.03
CA ALA D 20 -12.45 8.16 -47.39
C ALA D 20 -11.59 8.65 -46.23
N GLU D 21 -10.44 9.19 -46.56
CA GLU D 21 -9.44 9.59 -45.58
C GLU D 21 -9.36 11.10 -45.52
N ALA D 22 -9.38 11.63 -44.29
CA ALA D 22 -9.18 13.04 -44.05
C ALA D 22 -7.81 13.23 -43.41
N ASN D 23 -7.32 14.46 -43.46
CA ASN D 23 -5.93 14.74 -43.17
C ASN D 23 -5.78 16.18 -42.74
N PHE D 24 -5.07 16.41 -41.63
CA PHE D 24 -4.76 17.75 -41.16
C PHE D 24 -3.52 17.70 -40.30
N MET D 25 -2.83 18.83 -40.18
CA MET D 25 -1.65 18.92 -39.35
C MET D 25 -1.95 19.80 -38.15
N LEU D 26 -1.42 19.41 -37.00
CA LEU D 26 -1.65 20.11 -35.75
C LEU D 26 -0.31 20.50 -35.18
N LYS D 27 -0.09 21.79 -35.01
CA LYS D 27 1.19 22.33 -34.55
C LYS D 27 1.15 22.47 -33.03
N VAL D 28 2.22 22.03 -32.38
CA VAL D 28 2.39 22.22 -30.95
C VAL D 28 3.52 23.21 -30.74
N HIS D 29 3.20 24.38 -30.20
CA HIS D 29 4.20 25.40 -29.95
C HIS D 29 4.38 25.57 -28.45
N PRO D 30 5.49 25.11 -27.88
CA PRO D 30 5.69 25.29 -26.44
C PRO D 30 5.92 26.74 -26.08
N LEU D 31 5.56 27.08 -24.84
CA LEU D 31 5.86 28.38 -24.28
C LEU D 31 7.23 28.37 -23.64
N LYS D 32 7.79 29.55 -23.48
CA LYS D 32 8.89 29.75 -22.56
C LYS D 32 8.32 30.26 -21.26
N LYS D 33 8.92 29.83 -20.14
CA LYS D 33 8.61 30.30 -18.79
C LYS D 33 7.14 30.03 -18.43
N TYR D 34 6.85 28.75 -18.22
CA TYR D 34 5.57 28.35 -17.65
C TYR D 34 5.47 28.73 -16.17
N PRO D 35 4.26 28.85 -15.65
CA PRO D 35 4.07 28.73 -14.20
C PRO D 35 4.14 27.27 -13.79
N VAL D 36 4.71 27.03 -12.61
CA VAL D 36 5.01 25.67 -12.17
C VAL D 36 4.40 25.43 -10.79
N ASP D 37 3.59 24.38 -10.67
CA ASP D 37 3.05 23.89 -9.41
C ASP D 37 3.75 22.57 -9.09
N LEU D 38 4.60 22.56 -8.08
CA LEU D 38 5.31 21.36 -7.68
C LEU D 38 4.79 20.88 -6.34
N TYR D 39 4.21 19.68 -6.33
CA TYR D 39 3.66 19.07 -5.12
C TYR D 39 4.53 17.89 -4.74
N TYR D 40 5.14 17.95 -3.56
CA TYR D 40 5.90 16.81 -3.07
C TYR D 40 4.97 15.82 -2.40
N LEU D 41 5.23 14.54 -2.62
CA LEU D 41 4.49 13.44 -2.00
C LEU D 41 5.54 12.49 -1.42
N VAL D 42 5.78 12.58 -0.13
CA VAL D 42 6.94 11.97 0.48
C VAL D 42 6.53 10.69 1.20
N ASP D 43 7.32 9.64 0.99
CA ASP D 43 7.24 8.44 1.81
C ASP D 43 7.69 8.78 3.23
N VAL D 44 6.85 8.44 4.21
CA VAL D 44 7.02 8.87 5.59
C VAL D 44 7.70 7.77 6.41
N SER D 45 8.34 6.81 5.75
CA SER D 45 8.96 5.71 6.45
C SER D 45 10.20 6.17 7.21
N ALA D 46 10.73 5.28 8.03
CA ALA D 46 11.85 5.66 8.89
C ALA D 46 13.15 5.69 8.10
N SER D 47 13.18 5.02 6.95
CA SER D 47 14.38 5.04 6.12
C SER D 47 14.53 6.35 5.38
N MET D 48 13.46 7.14 5.30
CA MET D 48 13.41 8.35 4.50
C MET D 48 13.80 9.60 5.27
N HIS D 49 14.41 9.47 6.45
CA HIS D 49 14.55 10.64 7.31
C HIS D 49 15.71 11.52 6.89
N ASN D 50 16.72 10.95 6.23
CA ASN D 50 17.77 11.78 5.66
C ASN D 50 17.25 12.52 4.43
N ASN D 51 16.20 12.00 3.82
CA ASN D 51 15.63 12.63 2.65
C ASN D 51 14.71 13.77 3.02
N ILE D 52 14.04 13.66 4.17
CA ILE D 52 13.20 14.76 4.64
C ILE D 52 14.07 15.83 5.26
N GLU D 53 15.24 15.44 5.74
CA GLU D 53 16.29 16.40 6.11
C GLU D 53 16.67 17.27 4.92
N LYS D 54 16.83 16.65 3.75
CA LYS D 54 17.27 17.39 2.59
C LYS D 54 16.13 18.12 1.89
N LEU D 55 14.91 18.05 2.42
CA LEU D 55 13.84 18.90 1.91
C LEU D 55 13.91 20.30 2.47
N ASN D 56 14.82 20.52 3.42
CA ASN D 56 15.05 21.86 3.93
C ASN D 56 15.64 22.76 2.87
N SER D 57 16.46 22.19 1.97
CA SER D 57 17.17 22.95 0.95
C SER D 57 16.32 23.26 -0.27
N VAL D 58 15.01 23.01 -0.21
CA VAL D 58 14.16 23.28 -1.36
C VAL D 58 13.92 24.79 -1.51
N GLY D 59 13.62 25.47 -0.42
CA GLY D 59 13.30 26.89 -0.50
C GLY D 59 14.50 27.76 -0.80
N ASN D 60 15.70 27.28 -0.53
CA ASN D 60 16.91 28.04 -0.81
C ASN D 60 17.48 27.69 -2.17
N ASP D 61 17.88 26.43 -2.37
CA ASP D 61 18.66 26.08 -3.54
C ASP D 61 17.79 25.79 -4.76
N LEU D 62 16.62 25.18 -4.57
CA LEU D 62 15.82 24.80 -5.72
C LEU D 62 15.05 25.98 -6.29
N SER D 63 14.53 26.85 -5.42
CA SER D 63 13.67 27.92 -5.91
C SER D 63 14.49 29.01 -6.60
N ARG D 64 15.77 29.10 -6.29
CA ARG D 64 16.65 30.01 -7.00
C ARG D 64 16.94 29.49 -8.39
N LYS D 65 17.09 28.17 -8.53
CA LYS D 65 17.36 27.58 -9.82
C LYS D 65 16.15 27.62 -10.71
N MET D 66 14.97 27.41 -10.14
CA MET D 66 13.77 27.34 -10.96
C MET D 66 13.26 28.69 -11.38
N ALA D 67 13.84 29.79 -10.90
CA ALA D 67 13.44 31.10 -11.40
C ALA D 67 13.97 31.34 -12.80
N PHE D 68 15.08 30.69 -13.15
CA PHE D 68 15.66 30.79 -14.48
C PHE D 68 14.92 29.94 -15.50
N PHE D 69 13.92 29.17 -15.11
CA PHE D 69 13.17 28.33 -16.02
C PHE D 69 11.67 28.56 -15.97
N SER D 70 11.14 29.17 -14.93
CA SER D 70 9.71 29.30 -14.75
C SER D 70 9.37 30.73 -14.38
N ARG D 71 8.10 31.07 -14.52
CA ARG D 71 7.65 32.38 -14.10
C ARG D 71 6.96 32.39 -12.74
N ASP D 72 6.41 31.25 -12.30
CA ASP D 72 5.86 31.08 -10.97
C ASP D 72 6.42 29.80 -10.38
N PHE D 73 6.30 29.65 -9.08
CA PHE D 73 6.79 28.45 -8.41
C PHE D 73 6.03 28.31 -7.10
N ARG D 74 5.05 27.42 -7.07
CA ARG D 74 4.24 27.17 -5.89
C ARG D 74 4.47 25.75 -5.42
N LEU D 75 4.62 25.57 -4.11
CA LEU D 75 5.00 24.31 -3.50
C LEU D 75 3.86 23.74 -2.65
N GLY D 76 3.68 22.42 -2.72
CA GLY D 76 2.76 21.71 -1.87
C GLY D 76 3.48 20.56 -1.19
N PHE D 77 2.72 19.84 -0.36
CA PHE D 77 3.33 18.79 0.43
C PHE D 77 2.28 17.75 0.80
N GLY D 78 2.66 16.48 0.74
CA GLY D 78 1.79 15.40 1.13
C GLY D 78 2.61 14.27 1.73
N SER D 79 1.91 13.26 2.21
CA SER D 79 2.55 12.24 3.01
C SER D 79 1.77 10.94 2.92
N TYR D 80 2.48 9.84 2.69
CA TYR D 80 1.84 8.53 2.60
C TYR D 80 2.71 7.50 3.27
N VAL D 81 2.08 6.46 3.81
CA VAL D 81 2.83 5.25 4.12
C VAL D 81 2.23 4.07 3.37
N ASP D 82 1.01 3.66 3.72
CA ASP D 82 0.43 2.40 3.27
C ASP D 82 -0.99 2.38 3.79
N LYS D 83 -1.77 1.39 3.37
CA LYS D 83 -3.12 1.22 3.89
C LYS D 83 -3.06 0.73 5.33
N THR D 84 -3.92 1.27 6.19
CA THR D 84 -3.81 1.02 7.62
C THR D 84 -4.71 -0.12 8.08
N VAL D 85 -4.51 -1.27 7.44
CA VAL D 85 -5.11 -2.54 7.86
C VAL D 85 -4.02 -3.60 7.81
N SER D 86 -4.26 -4.69 8.52
CA SER D 86 -3.34 -5.82 8.53
C SER D 86 -3.42 -6.54 7.19
N PRO D 87 -2.34 -7.19 6.73
CA PRO D 87 -0.99 -7.47 7.23
C PRO D 87 0.02 -6.39 6.89
N TYR D 88 -0.49 -5.24 6.47
CA TYR D 88 0.39 -4.16 6.01
C TYR D 88 1.05 -3.48 7.19
N ILE D 89 0.24 -2.99 8.11
CA ILE D 89 0.72 -2.43 9.36
C ILE D 89 0.42 -3.43 10.46
N SER D 90 1.00 -3.20 11.62
CA SER D 90 0.80 -4.05 12.78
C SER D 90 -0.40 -3.52 13.57
N ILE D 91 -1.40 -4.37 13.76
CA ILE D 91 -2.57 -4.00 14.52
C ILE D 91 -2.42 -4.41 15.99
N HIS D 92 -1.25 -4.71 16.41
CA HIS D 92 -1.04 -4.94 17.83
C HIS D 92 -0.52 -3.67 18.46
N PRO D 93 -1.05 -3.28 19.62
CA PRO D 93 -0.73 -1.93 20.15
C PRO D 93 0.70 -1.74 20.61
N GLU D 94 1.27 -2.59 21.45
CA GLU D 94 2.60 -2.28 21.96
C GLU D 94 3.70 -2.71 21.01
N ARG D 95 3.34 -3.38 19.92
CA ARG D 95 4.33 -3.60 18.86
C ARG D 95 4.57 -2.32 18.09
N ILE D 96 3.58 -1.43 18.05
CA ILE D 96 3.75 -0.12 17.46
C ILE D 96 4.72 0.72 18.27
N HIS D 97 4.57 0.70 19.60
CA HIS D 97 5.36 1.55 20.46
C HIS D 97 6.80 1.07 20.55
N ASN D 98 7.02 -0.23 20.39
CA ASN D 98 8.38 -0.72 20.32
C ASN D 98 9.04 -0.37 19.00
N GLN D 99 8.06 -0.43 18.08
CA GLN D 99 8.58 -0.09 16.77
C GLN D 99 8.88 1.40 16.67
N CYS D 100 8.22 2.34 17.12
CA CYS D 100 8.51 3.76 17.23
C CYS D 100 9.73 4.04 18.09
N SER D 101 9.88 3.35 19.21
CA SER D 101 10.94 3.70 20.14
C SER D 101 12.29 3.18 19.65
N ASP D 102 12.28 2.26 18.71
CA ASP D 102 13.52 1.77 18.15
C ASP D 102 14.18 2.88 17.40
N TYR D 103 13.51 3.42 16.41
CA TYR D 103 14.03 4.54 15.69
C TYR D 103 14.09 5.61 16.73
N ASN D 104 15.19 6.35 16.79
CA ASN D 104 15.28 7.37 17.74
C ASN D 104 14.87 8.59 16.97
N LEU D 105 13.63 8.67 16.56
CA LEU D 105 13.06 9.75 15.76
C LEU D 105 11.62 9.94 16.21
N ASP D 106 11.10 11.13 16.00
CA ASP D 106 9.71 11.40 16.34
C ASP D 106 8.78 10.67 15.38
N CYS D 107 7.85 9.89 15.93
CA CYS D 107 6.97 9.10 15.09
C CYS D 107 5.53 9.50 15.32
N MET D 108 4.69 9.12 14.37
CA MET D 108 3.27 9.38 14.36
C MET D 108 2.57 8.14 13.83
N PRO D 109 1.25 8.03 13.97
CA PRO D 109 0.54 6.87 13.41
C PRO D 109 0.69 6.77 11.91
N PRO D 110 0.79 5.56 11.38
CA PRO D 110 0.85 5.40 9.94
C PRO D 110 -0.49 5.73 9.32
N HIS D 111 -0.46 6.05 8.04
CA HIS D 111 -1.60 6.65 7.40
C HIS D 111 -1.57 6.32 5.93
N GLY D 112 -2.73 6.33 5.32
CA GLY D 112 -2.81 6.13 3.89
C GLY D 112 -2.24 7.32 3.17
N TYR D 113 -2.87 8.47 3.35
CA TYR D 113 -2.49 9.68 2.64
C TYR D 113 -3.05 10.89 3.38
N ILE D 114 -2.16 11.78 3.80
CA ILE D 114 -2.53 13.02 4.48
C ILE D 114 -2.01 14.18 3.64
N HIS D 115 -2.91 15.04 3.20
CA HIS D 115 -2.52 16.24 2.49
C HIS D 115 -2.19 17.34 3.49
N VAL D 116 -0.95 17.80 3.46
CA VAL D 116 -0.40 18.67 4.50
C VAL D 116 -0.52 20.13 4.11
N LEU D 117 0.13 20.49 3.00
CA LEU D 117 0.26 21.87 2.57
C LEU D 117 -0.28 22.00 1.17
N SER D 118 -1.18 22.94 0.95
CA SER D 118 -1.63 23.21 -0.40
C SER D 118 -0.55 23.98 -1.17
N LEU D 119 -0.81 24.19 -2.45
CA LEU D 119 0.17 24.83 -3.31
C LEU D 119 0.23 26.31 -3.00
N THR D 120 1.41 26.79 -2.60
CA THR D 120 1.59 28.17 -2.18
C THR D 120 2.99 28.63 -2.51
N GLU D 121 3.12 29.95 -2.68
CA GLU D 121 4.40 30.55 -3.05
C GLU D 121 5.18 31.02 -1.84
N ASN D 122 4.76 30.64 -0.63
CA ASN D 122 5.49 30.93 0.58
C ASN D 122 6.40 29.74 0.88
N ILE D 123 7.71 29.97 0.82
CA ILE D 123 8.63 28.89 1.13
C ILE D 123 8.77 28.73 2.64
N THR D 124 8.27 29.69 3.42
CA THR D 124 8.28 29.56 4.86
C THR D 124 7.14 28.68 5.34
N GLU D 125 6.12 28.48 4.50
CA GLU D 125 5.10 27.48 4.82
C GLU D 125 5.57 26.10 4.41
N PHE D 126 6.53 26.01 3.50
CA PHE D 126 7.08 24.71 3.16
C PHE D 126 8.05 24.26 4.24
N GLU D 127 8.69 25.22 4.90
CA GLU D 127 9.61 24.88 5.97
C GLU D 127 8.86 24.57 7.26
N LYS D 128 7.65 25.11 7.42
CA LYS D 128 6.77 24.66 8.49
C LYS D 128 6.34 23.23 8.27
N ALA D 129 6.04 22.87 7.02
CA ALA D 129 5.50 21.55 6.71
C ALA D 129 6.56 20.46 6.84
N VAL D 130 7.83 20.82 6.77
CA VAL D 130 8.89 19.83 6.84
C VAL D 130 9.29 19.56 8.28
N HIS D 131 9.43 20.62 9.08
CA HIS D 131 9.81 20.44 10.47
C HIS D 131 8.68 19.93 11.33
N ARG D 132 7.44 20.11 10.89
CA ARG D 132 6.34 19.48 11.61
C ARG D 132 6.30 17.98 11.33
N GLN D 133 6.81 17.57 10.19
CA GLN D 133 6.62 16.21 9.68
C GLN D 133 7.42 15.20 10.49
N LYS D 134 6.79 14.06 10.76
CA LYS D 134 7.34 13.00 11.57
C LYS D 134 7.49 11.72 10.75
N ILE D 135 7.72 10.62 11.44
CA ILE D 135 8.04 9.32 10.88
C ILE D 135 6.86 8.39 11.09
N SER D 136 6.62 7.47 10.16
CA SER D 136 5.68 6.39 10.40
C SER D 136 6.25 5.10 9.85
N GLY D 137 5.41 4.11 9.58
CA GLY D 137 5.88 2.92 8.91
C GLY D 137 4.83 1.83 8.85
N ASN D 138 5.02 0.92 7.90
CA ASN D 138 4.30 -0.34 7.84
C ASN D 138 5.26 -1.48 8.16
N ILE D 139 4.78 -2.70 8.04
CA ILE D 139 5.61 -3.86 8.35
C ILE D 139 6.26 -4.45 7.11
N ASP D 140 5.48 -4.65 6.05
CA ASP D 140 6.04 -5.11 4.79
C ASP D 140 6.76 -3.98 4.09
N THR D 141 7.59 -4.34 3.13
CA THR D 141 8.40 -3.35 2.43
C THR D 141 7.70 -2.45 1.40
N PRO D 142 6.72 -2.88 0.58
CA PRO D 142 6.12 -1.93 -0.36
C PRO D 142 5.22 -0.93 0.33
N GLU D 143 4.92 0.14 -0.38
CA GLU D 143 4.25 1.27 0.22
C GLU D 143 2.99 1.57 -0.55
N GLY D 144 2.18 2.46 0.00
CA GLY D 144 0.97 2.86 -0.67
C GLY D 144 1.18 4.06 -1.57
N GLY D 145 2.11 3.92 -2.51
CA GLY D 145 2.50 5.02 -3.36
C GLY D 145 1.47 5.38 -4.39
N PHE D 146 1.06 4.41 -5.20
CA PHE D 146 0.17 4.67 -6.32
C PHE D 146 -1.22 5.02 -5.84
N ASP D 147 -1.55 4.60 -4.63
CA ASP D 147 -2.85 4.93 -4.04
C ASP D 147 -2.91 6.40 -3.64
N ALA D 148 -1.77 6.94 -3.22
CA ALA D 148 -1.71 8.35 -2.84
C ALA D 148 -1.47 9.24 -4.04
N MET D 149 -0.89 8.68 -5.11
CA MET D 149 -0.67 9.43 -6.33
C MET D 149 -1.97 9.73 -7.04
N LEU D 150 -2.96 8.87 -6.88
CA LEU D 150 -4.25 9.14 -7.52
C LEU D 150 -5.06 10.12 -6.69
N GLN D 151 -4.84 10.15 -5.38
CA GLN D 151 -5.54 11.10 -4.54
C GLN D 151 -4.92 12.49 -4.64
N ALA D 152 -3.62 12.54 -4.91
CA ALA D 152 -2.99 13.82 -5.21
C ALA D 152 -3.25 14.26 -6.62
N ALA D 153 -3.90 13.43 -7.44
CA ALA D 153 -4.18 13.80 -8.81
C ALA D 153 -5.61 14.29 -8.98
N VAL D 154 -6.58 13.53 -8.51
CA VAL D 154 -7.97 13.84 -8.85
C VAL D 154 -8.52 14.93 -7.94
N CYS D 155 -7.89 15.19 -6.80
CA CYS D 155 -8.40 16.14 -5.83
C CYS D 155 -7.84 17.52 -6.19
N GLU D 156 -8.58 18.25 -7.02
CA GLU D 156 -8.03 19.48 -7.58
C GLU D 156 -8.23 20.67 -6.65
N SER D 157 -9.41 20.81 -6.06
CA SER D 157 -9.66 21.93 -5.18
C SER D 157 -9.08 21.72 -3.79
N HIS D 158 -8.49 20.57 -3.52
CA HIS D 158 -7.85 20.29 -2.24
C HIS D 158 -6.34 20.43 -2.32
N ILE D 159 -5.72 19.90 -3.37
CA ILE D 159 -4.31 20.14 -3.60
C ILE D 159 -4.11 21.57 -4.06
N GLY D 160 -5.05 22.10 -4.82
CA GLY D 160 -4.99 23.49 -5.21
C GLY D 160 -4.18 23.70 -6.46
N TRP D 161 -4.31 22.78 -7.41
CA TRP D 161 -3.61 22.92 -8.68
C TRP D 161 -4.22 24.06 -9.46
N ARG D 162 -3.43 24.64 -10.36
CA ARG D 162 -3.89 25.69 -11.26
C ARG D 162 -4.06 25.10 -12.65
N LYS D 163 -5.10 25.55 -13.35
CA LYS D 163 -5.27 25.13 -14.75
C LYS D 163 -4.14 25.66 -15.61
N GLU D 164 -3.71 26.89 -15.36
CA GLU D 164 -2.77 27.58 -16.22
C GLU D 164 -1.34 27.40 -15.70
N ALA D 165 -1.00 26.16 -15.39
CA ALA D 165 0.29 25.94 -14.78
C ALA D 165 0.82 24.58 -15.18
N LYS D 166 2.13 24.44 -15.11
CA LYS D 166 2.79 23.17 -15.36
C LYS D 166 2.80 22.37 -14.07
N ARG D 167 1.97 21.34 -14.00
CA ARG D 167 1.72 20.61 -12.78
C ARG D 167 2.72 19.48 -12.64
N LEU D 168 3.61 19.56 -11.66
CA LEU D 168 4.59 18.52 -11.39
C LEU D 168 4.20 17.80 -10.11
N LEU D 169 4.48 16.50 -10.06
CA LEU D 169 4.20 15.68 -8.89
C LEU D 169 5.45 14.86 -8.60
N LEU D 170 6.27 15.34 -7.69
CA LEU D 170 7.47 14.63 -7.30
C LEU D 170 7.09 13.57 -6.29
N VAL D 171 7.17 12.32 -6.68
CA VAL D 171 6.97 11.20 -5.77
C VAL D 171 8.34 10.82 -5.26
N MET D 172 8.45 10.68 -3.95
CA MET D 172 9.73 10.59 -3.28
C MET D 172 9.72 9.40 -2.34
N THR D 173 10.49 8.37 -2.68
CA THR D 173 10.43 7.11 -1.95
C THR D 173 11.73 6.35 -2.12
N ASP D 174 11.80 5.17 -1.53
CA ASP D 174 12.92 4.27 -1.76
C ASP D 174 12.53 2.82 -1.95
N GLN D 175 11.31 2.44 -1.61
CA GLN D 175 10.79 1.10 -1.86
C GLN D 175 9.90 1.13 -3.09
N THR D 176 9.33 -0.02 -3.40
CA THR D 176 8.35 -0.12 -4.47
C THR D 176 6.98 0.24 -3.94
N SER D 177 5.95 -0.03 -4.71
CA SER D 177 4.59 0.26 -4.30
C SER D 177 3.71 -0.95 -4.50
N HIS D 178 2.69 -1.07 -3.68
CA HIS D 178 1.70 -2.12 -3.85
C HIS D 178 0.90 -1.89 -5.10
N LEU D 179 0.34 -2.97 -5.64
CA LEU D 179 -0.43 -2.93 -6.85
C LEU D 179 -1.89 -3.12 -6.50
N ALA D 180 -2.74 -3.14 -7.53
CA ALA D 180 -4.18 -3.13 -7.32
C ALA D 180 -4.69 -4.39 -6.66
N LEU D 181 -4.01 -5.52 -6.86
CA LEU D 181 -4.47 -6.79 -6.34
C LEU D 181 -3.62 -7.32 -5.21
N ASP D 182 -2.75 -6.49 -4.63
CA ASP D 182 -2.16 -6.82 -3.34
C ASP D 182 -3.17 -6.70 -2.21
N SER D 183 -4.28 -6.01 -2.47
CA SER D 183 -5.24 -5.69 -1.44
C SER D 183 -6.03 -6.89 -0.95
N LYS D 184 -5.95 -8.02 -1.66
CA LYS D 184 -6.73 -9.19 -1.29
C LYS D 184 -6.20 -9.86 -0.04
N LEU D 185 -4.96 -9.56 0.35
CA LEU D 185 -4.44 -10.03 1.62
C LEU D 185 -5.10 -9.33 2.80
N ALA D 186 -5.72 -8.18 2.58
CA ALA D 186 -6.44 -7.48 3.63
C ALA D 186 -7.94 -7.63 3.50
N GLY D 187 -8.40 -8.43 2.55
CA GLY D 187 -9.81 -8.56 2.33
C GLY D 187 -10.40 -7.31 1.70
N ILE D 188 -9.55 -6.54 1.04
CA ILE D 188 -9.98 -5.33 0.36
C ILE D 188 -10.20 -5.72 -1.10
N VAL D 189 -11.45 -5.87 -1.49
CA VAL D 189 -11.77 -6.47 -2.78
C VAL D 189 -12.67 -5.59 -3.62
N VAL D 190 -13.13 -4.47 -3.09
CA VAL D 190 -13.92 -3.55 -3.91
C VAL D 190 -12.93 -2.65 -4.66
N PRO D 191 -13.06 -2.50 -5.98
CA PRO D 191 -12.03 -1.81 -6.74
C PRO D 191 -12.03 -0.31 -6.53
N ASN D 192 -10.88 0.29 -6.81
CA ASN D 192 -10.68 1.72 -6.63
C ASN D 192 -11.52 2.48 -7.64
N ASP D 193 -12.41 3.31 -7.16
CA ASP D 193 -13.36 3.93 -8.08
C ASP D 193 -12.74 5.08 -8.86
N GLY D 194 -11.80 5.81 -8.27
CA GLY D 194 -11.17 6.91 -8.96
C GLY D 194 -11.79 8.26 -8.74
N ASN D 195 -12.45 8.47 -7.61
CA ASN D 195 -12.99 9.77 -7.24
C ASN D 195 -12.23 10.29 -6.03
N CYS D 196 -12.44 11.57 -5.72
CA CYS D 196 -11.70 12.22 -4.64
C CYS D 196 -12.35 11.87 -3.31
N HIS D 197 -11.53 11.41 -2.37
CA HIS D 197 -12.03 10.97 -1.08
C HIS D 197 -11.17 11.51 0.05
N LEU D 198 -10.92 12.81 0.04
CA LEU D 198 -10.31 13.51 1.16
C LEU D 198 -11.42 14.14 1.98
N LYS D 199 -11.61 13.66 3.21
CA LYS D 199 -12.65 14.23 4.05
C LYS D 199 -12.13 15.46 4.77
N ASN D 200 -11.05 15.33 5.52
CA ASN D 200 -10.44 16.45 6.22
C ASN D 200 -8.96 16.46 5.98
N ASN D 201 -8.58 16.44 4.70
CA ASN D 201 -7.21 16.26 4.21
C ASN D 201 -6.62 14.94 4.66
N VAL D 202 -7.45 13.93 4.83
CA VAL D 202 -7.05 12.56 5.07
C VAL D 202 -7.88 11.69 4.15
N TYR D 203 -7.22 10.81 3.42
CA TYR D 203 -7.91 9.90 2.51
C TYR D 203 -8.68 8.84 3.29
N VAL D 204 -10.01 8.92 3.21
CA VAL D 204 -10.91 8.14 4.06
C VAL D 204 -11.54 6.97 3.34
N LYS D 205 -11.00 6.54 2.21
CA LYS D 205 -11.28 5.22 1.67
C LYS D 205 -10.05 4.34 1.66
N SER D 206 -9.07 4.64 2.52
CA SER D 206 -7.80 3.93 2.49
C SER D 206 -7.88 2.54 3.07
N THR D 207 -8.98 2.19 3.73
CA THR D 207 -9.13 0.86 4.28
C THR D 207 -10.29 0.11 3.64
N THR D 208 -11.02 0.74 2.73
CA THR D 208 -12.17 0.11 2.11
C THR D 208 -11.93 -0.21 0.64
N MET D 209 -11.55 0.77 -0.18
CA MET D 209 -11.24 0.53 -1.57
C MET D 209 -9.79 0.13 -1.72
N GLU D 210 -9.45 -0.35 -2.91
CA GLU D 210 -8.14 -0.97 -3.08
C GLU D 210 -7.18 -0.03 -3.79
N HIS D 211 -5.97 -0.52 -4.02
CA HIS D 211 -4.98 0.24 -4.75
C HIS D 211 -5.42 0.36 -6.21
N PRO D 212 -5.02 1.40 -6.90
CA PRO D 212 -5.33 1.50 -8.32
C PRO D 212 -4.41 0.62 -9.14
N SER D 213 -4.88 0.26 -10.32
CA SER D 213 -4.03 -0.37 -11.30
C SER D 213 -3.21 0.68 -12.01
N LEU D 214 -2.25 0.23 -12.83
CA LEU D 214 -1.46 1.20 -13.58
C LEU D 214 -2.27 1.85 -14.68
N GLY D 215 -3.29 1.17 -15.19
CA GLY D 215 -4.17 1.81 -16.14
C GLY D 215 -5.14 2.78 -15.48
N GLN D 216 -5.56 2.46 -14.26
CA GLN D 216 -6.39 3.37 -13.49
C GLN D 216 -5.61 4.62 -13.10
N LEU D 217 -4.33 4.43 -12.77
CA LEU D 217 -3.50 5.56 -12.37
C LEU D 217 -3.16 6.45 -13.54
N SER D 218 -2.79 5.85 -14.68
CA SER D 218 -2.29 6.62 -15.81
C SER D 218 -3.39 7.40 -16.50
N GLU D 219 -4.62 6.90 -16.45
CA GLU D 219 -5.73 7.63 -17.05
C GLU D 219 -6.10 8.84 -16.23
N LYS D 220 -5.75 8.84 -14.94
CA LYS D 220 -6.06 9.98 -14.09
C LYS D 220 -4.92 10.98 -14.07
N LEU D 221 -3.70 10.54 -14.33
CA LEU D 221 -2.59 11.47 -14.46
C LEU D 221 -2.65 12.24 -15.76
N ILE D 222 -3.22 11.64 -16.81
CA ILE D 222 -3.27 12.30 -18.10
C ILE D 222 -4.50 13.18 -18.22
N ASP D 223 -5.62 12.76 -17.62
CA ASP D 223 -6.82 13.60 -17.63
C ASP D 223 -6.64 14.84 -16.77
N ASN D 224 -5.80 14.77 -15.75
CA ASN D 224 -5.56 15.88 -14.84
C ASN D 224 -4.29 16.65 -15.18
N ASN D 225 -3.63 16.31 -16.28
CA ASN D 225 -2.50 17.05 -16.86
C ASN D 225 -1.31 17.08 -15.91
N ILE D 226 -1.14 16.01 -15.15
CA ILE D 226 -0.17 15.98 -14.07
C ILE D 226 1.05 15.19 -14.50
N ASN D 227 2.21 15.80 -14.32
CA ASN D 227 3.49 15.25 -14.73
C ASN D 227 4.16 14.66 -13.51
N VAL D 228 4.51 13.39 -13.58
CA VAL D 228 5.00 12.66 -12.42
C VAL D 228 6.50 12.45 -12.57
N ILE D 229 7.24 12.82 -11.52
CA ILE D 229 8.66 12.55 -11.42
C ILE D 229 8.86 11.63 -10.23
N PHE D 230 9.57 10.53 -10.42
CA PHE D 230 9.88 9.62 -9.33
C PHE D 230 11.29 9.89 -8.85
N ALA D 231 11.45 10.09 -7.56
CA ALA D 231 12.74 10.34 -6.95
C ALA D 231 13.01 9.18 -6.00
N VAL D 232 13.72 8.17 -6.49
CA VAL D 232 13.86 6.90 -5.78
C VAL D 232 15.31 6.74 -5.41
N GLN D 233 15.56 6.33 -4.16
CA GLN D 233 16.88 6.49 -3.60
C GLN D 233 17.71 5.22 -3.72
N GLY D 234 17.16 4.09 -3.28
CA GLY D 234 17.97 2.89 -3.14
C GLY D 234 18.18 2.11 -4.42
N LYS D 235 18.12 0.79 -4.33
CA LYS D 235 18.19 -0.06 -5.51
C LYS D 235 16.88 -0.16 -6.26
N GLN D 236 15.80 0.36 -5.70
CA GLN D 236 14.53 0.25 -6.40
C GLN D 236 14.28 1.39 -7.36
N PHE D 237 15.31 2.15 -7.74
CA PHE D 237 15.19 3.08 -8.85
C PHE D 237 14.91 2.34 -10.14
N HIS D 238 15.52 1.16 -10.30
CA HIS D 238 15.39 0.36 -11.50
C HIS D 238 14.00 -0.22 -11.65
N TRP D 239 13.23 -0.32 -10.57
CA TRP D 239 11.86 -0.80 -10.68
C TRP D 239 10.98 0.25 -11.34
N TYR D 240 11.02 1.47 -10.83
CA TYR D 240 10.26 2.57 -11.41
C TYR D 240 10.77 2.97 -12.76
N LYS D 241 12.07 2.75 -13.02
CA LYS D 241 12.65 3.00 -14.34
C LYS D 241 12.07 2.08 -15.40
N ASP D 242 11.67 0.87 -15.02
CA ASP D 242 11.13 -0.07 -15.98
C ASP D 242 9.62 0.02 -16.11
N LEU D 243 8.93 0.79 -15.27
CA LEU D 243 7.51 1.01 -15.43
C LEU D 243 7.18 2.24 -16.27
N LEU D 244 8.19 3.05 -16.54
CA LEU D 244 8.00 4.24 -17.39
C LEU D 244 7.41 3.97 -18.77
N PRO D 245 7.68 2.84 -19.47
CA PRO D 245 6.91 2.61 -20.70
C PRO D 245 5.46 2.31 -20.48
N LEU D 246 5.07 1.85 -19.29
CA LEU D 246 3.66 1.57 -19.01
C LEU D 246 2.92 2.81 -18.56
N LEU D 247 3.64 3.80 -18.07
CA LEU D 247 3.11 5.06 -17.54
C LEU D 247 3.62 6.17 -18.45
N PRO D 248 2.87 6.56 -19.49
CA PRO D 248 3.35 7.61 -20.38
C PRO D 248 3.32 8.98 -19.72
N GLY D 249 4.42 9.71 -19.86
CA GLY D 249 4.52 11.03 -19.27
C GLY D 249 5.17 11.07 -17.91
N THR D 250 5.89 10.03 -17.52
CA THR D 250 6.55 9.95 -16.23
C THR D 250 8.05 9.91 -16.43
N ILE D 251 8.75 10.63 -15.57
CA ILE D 251 10.20 10.70 -15.57
C ILE D 251 10.66 10.09 -14.25
N ALA D 252 11.79 9.41 -14.28
CA ALA D 252 12.31 8.78 -13.07
C ALA D 252 13.73 9.25 -12.83
N GLY D 253 13.98 9.69 -11.61
CA GLY D 253 15.30 10.17 -11.25
C GLY D 253 15.79 9.47 -10.00
N GLU D 254 17.08 9.21 -9.98
CA GLU D 254 17.68 8.47 -8.89
C GLU D 254 18.30 9.43 -7.90
N ILE D 255 17.80 9.40 -6.67
CA ILE D 255 18.45 10.11 -5.58
C ILE D 255 19.76 9.40 -5.29
N GLU D 256 20.83 10.16 -5.12
CA GLU D 256 22.14 9.59 -4.87
C GLU D 256 22.25 9.11 -3.43
N SER D 257 23.48 8.82 -3.00
CA SER D 257 23.69 8.20 -1.70
C SER D 257 23.38 9.17 -0.57
N LYS D 258 24.01 10.34 -0.59
CA LYS D 258 23.81 11.33 0.44
C LYS D 258 22.69 12.31 0.11
N ALA D 259 21.87 11.97 -0.89
CA ALA D 259 20.77 12.81 -1.40
C ALA D 259 21.25 14.19 -1.81
N ALA D 260 22.45 14.25 -2.40
CA ALA D 260 23.04 15.52 -2.75
C ALA D 260 22.45 16.11 -4.01
N ASN D 261 21.67 15.33 -4.75
CA ASN D 261 21.13 15.77 -6.03
C ASN D 261 19.60 15.80 -6.05
N LEU D 262 18.98 16.24 -4.96
CA LEU D 262 17.54 16.42 -4.99
C LEU D 262 17.14 17.68 -5.73
N ASN D 263 17.91 18.75 -5.58
CA ASN D 263 17.55 19.97 -6.28
C ASN D 263 17.92 19.88 -7.74
N ASN D 264 18.94 19.06 -8.06
CA ASN D 264 19.29 18.80 -9.45
C ASN D 264 18.27 17.88 -10.12
N LEU D 265 17.57 17.07 -9.33
CA LEU D 265 16.65 16.10 -9.91
C LEU D 265 15.41 16.79 -10.43
N VAL D 266 14.97 17.85 -9.75
CA VAL D 266 13.79 18.55 -10.20
C VAL D 266 14.13 19.45 -11.37
N VAL D 267 15.34 19.99 -11.39
CA VAL D 267 15.77 20.86 -12.48
C VAL D 267 15.94 20.07 -13.77
N GLU D 268 16.60 18.91 -13.69
CA GLU D 268 16.90 18.14 -14.87
C GLU D 268 15.66 17.44 -15.42
N ALA D 269 14.73 17.06 -14.54
CA ALA D 269 13.52 16.40 -15.02
C ALA D 269 12.54 17.40 -15.57
N TYR D 270 12.59 18.64 -15.12
CA TYR D 270 11.75 19.66 -15.72
C TYR D 270 12.30 20.10 -17.08
N GLN D 271 13.61 19.97 -17.26
CA GLN D 271 14.19 20.21 -18.57
C GLN D 271 13.80 19.13 -19.57
N LYS D 272 13.74 17.88 -19.11
CA LYS D 272 13.38 16.79 -20.00
C LYS D 272 11.90 16.76 -20.30
N LEU D 273 11.13 17.54 -19.56
CA LEU D 273 9.68 17.44 -19.65
C LEU D 273 9.16 18.35 -20.75
N ILE D 274 9.71 19.56 -20.85
CA ILE D 274 9.34 20.46 -21.93
C ILE D 274 10.13 20.14 -23.19
N SER D 275 11.16 19.30 -23.09
CA SER D 275 11.90 18.91 -24.27
C SER D 275 11.20 17.82 -25.05
N GLU D 276 10.35 17.05 -24.40
CA GLU D 276 9.66 15.93 -25.03
C GLU D 276 8.21 16.31 -25.26
N VAL D 277 7.75 16.24 -26.51
CA VAL D 277 6.37 16.51 -26.86
C VAL D 277 5.83 15.31 -27.61
N LYS D 278 4.91 14.59 -26.99
CA LYS D 278 4.24 13.46 -27.61
C LYS D 278 2.74 13.63 -27.41
N VAL D 279 1.96 12.89 -28.17
CA VAL D 279 0.53 13.10 -28.21
C VAL D 279 -0.16 11.77 -27.97
N GLN D 280 -1.43 11.83 -27.58
CA GLN D 280 -2.28 10.65 -27.68
C GLN D 280 -3.70 11.11 -27.90
N VAL D 281 -4.48 10.23 -28.50
CA VAL D 281 -5.84 10.52 -28.93
C VAL D 281 -6.80 9.76 -28.02
N GLU D 282 -7.82 10.46 -27.53
CA GLU D 282 -8.92 9.82 -26.86
C GLU D 282 -10.03 9.65 -27.89
N ASN D 283 -10.30 8.40 -28.26
CA ASN D 283 -11.28 8.10 -29.30
C ASN D 283 -12.46 7.41 -28.62
N GLN D 284 -13.59 8.11 -28.55
CA GLN D 284 -14.82 7.56 -27.99
C GLN D 284 -15.93 7.39 -29.01
N VAL D 285 -15.64 7.57 -30.30
CA VAL D 285 -16.60 7.32 -31.35
C VAL D 285 -16.21 6.04 -32.07
N GLN D 286 -17.21 5.30 -32.55
CA GLN D 286 -17.01 4.00 -33.18
C GLN D 286 -16.92 4.13 -34.69
N GLY D 287 -16.14 3.25 -35.30
CA GLY D 287 -15.96 3.24 -36.74
C GLY D 287 -14.96 4.25 -37.27
N ILE D 288 -14.14 4.83 -36.41
CA ILE D 288 -13.22 5.90 -36.76
C ILE D 288 -11.83 5.50 -36.29
N TYR D 289 -10.87 5.50 -37.21
CA TYR D 289 -9.48 5.20 -36.86
C TYR D 289 -8.63 6.44 -37.11
N PHE D 290 -7.77 6.76 -36.15
CA PHE D 290 -6.83 7.86 -36.25
C PHE D 290 -5.44 7.32 -36.53
N ASN D 291 -4.65 8.11 -37.26
CA ASN D 291 -3.32 7.70 -37.65
C ASN D 291 -2.46 8.96 -37.63
N ILE D 292 -1.72 9.16 -36.55
CA ILE D 292 -1.00 10.40 -36.28
C ILE D 292 0.48 10.16 -36.47
N THR D 293 1.13 11.03 -37.23
CA THR D 293 2.54 10.93 -37.58
C THR D 293 3.27 12.15 -37.05
N ALA D 294 4.39 11.96 -36.36
CA ALA D 294 5.13 13.05 -35.77
C ALA D 294 6.24 13.49 -36.72
N ILE D 295 6.26 14.77 -37.06
CA ILE D 295 7.37 15.38 -37.78
C ILE D 295 8.16 16.19 -36.78
N CYS D 296 9.37 15.81 -36.55
CA CYS D 296 10.17 16.56 -35.60
C CYS D 296 10.72 17.80 -36.25
N PRO D 297 11.08 18.82 -35.45
CA PRO D 297 11.83 19.95 -36.02
C PRO D 297 13.23 19.58 -36.49
N ASP D 298 13.77 18.46 -36.00
CA ASP D 298 14.96 17.88 -36.61
C ASP D 298 14.67 17.38 -38.02
N GLY D 299 13.43 17.02 -38.32
CA GLY D 299 13.05 16.42 -39.57
C GLY D 299 12.83 14.92 -39.50
N SER D 300 13.21 14.31 -38.38
CA SER D 300 13.06 12.87 -38.23
C SER D 300 11.60 12.53 -37.99
N ARG D 301 11.07 11.62 -38.79
CA ARG D 301 9.64 11.33 -38.82
C ARG D 301 9.36 10.15 -37.90
N LYS D 302 8.68 10.41 -36.78
CA LYS D 302 8.44 9.44 -35.72
C LYS D 302 6.96 9.14 -35.64
N PRO D 303 6.52 8.09 -34.96
CA PRO D 303 5.07 7.90 -34.75
C PRO D 303 4.52 8.97 -33.82
N GLY D 304 3.19 9.06 -33.81
CA GLY D 304 2.54 10.17 -33.12
C GLY D 304 2.68 10.09 -31.61
N MET D 305 2.54 8.90 -31.04
CA MET D 305 2.71 8.74 -29.61
C MET D 305 4.16 8.61 -29.19
N GLU D 306 5.07 8.45 -30.14
CA GLU D 306 6.49 8.45 -29.80
C GLU D 306 6.95 9.87 -29.52
N GLY D 307 6.57 10.80 -30.40
CA GLY D 307 6.86 12.20 -30.16
C GLY D 307 8.27 12.58 -30.49
N CYS D 308 8.55 13.86 -30.26
CA CYS D 308 9.82 14.45 -30.63
C CYS D 308 10.55 14.95 -29.40
N ARG D 309 11.81 14.56 -29.28
CA ARG D 309 12.65 14.99 -28.18
C ARG D 309 13.45 16.22 -28.61
N ASN D 310 14.20 16.77 -27.65
CA ASN D 310 15.04 17.96 -27.81
C ASN D 310 14.28 19.18 -28.30
N VAL D 311 12.99 19.26 -27.98
CA VAL D 311 12.19 20.39 -28.40
C VAL D 311 12.44 21.56 -27.48
N THR D 312 12.74 22.71 -28.07
CA THR D 312 12.82 23.92 -27.26
C THR D 312 11.58 24.74 -27.53
N SER D 313 11.48 25.91 -26.94
CA SER D 313 10.50 26.87 -27.40
C SER D 313 11.02 27.49 -28.69
N ASN D 314 10.19 28.29 -29.35
CA ASN D 314 10.29 28.75 -30.75
C ASN D 314 10.46 27.60 -31.74
N ASP D 315 10.02 26.40 -31.38
CA ASP D 315 9.89 25.26 -32.29
C ASP D 315 8.42 24.93 -32.36
N GLU D 316 7.95 24.51 -33.54
CA GLU D 316 6.55 24.17 -33.72
C GLU D 316 6.51 22.72 -34.19
N VAL D 317 6.28 21.79 -33.25
CA VAL D 317 6.26 20.38 -33.58
C VAL D 317 4.97 20.06 -34.33
N LEU D 318 5.09 19.40 -35.46
CA LEU D 318 3.95 19.11 -36.31
C LEU D 318 3.54 17.65 -36.21
N PHE D 319 2.23 17.44 -36.08
CA PHE D 319 1.64 16.10 -35.98
C PHE D 319 0.68 15.95 -37.15
N ASN D 320 1.09 15.20 -38.16
CA ASN D 320 0.28 15.01 -39.35
C ASN D 320 -0.76 13.95 -39.04
N VAL D 321 -1.99 14.38 -38.81
CA VAL D 321 -3.06 13.50 -38.34
C VAL D 321 -3.88 13.04 -39.53
N THR D 322 -4.08 11.73 -39.66
CA THR D 322 -4.90 11.16 -40.71
C THR D 322 -5.99 10.34 -40.06
N VAL D 323 -7.23 10.57 -40.46
CA VAL D 323 -8.40 9.90 -39.89
C VAL D 323 -9.20 9.25 -41.00
N THR D 324 -9.64 8.00 -40.78
CA THR D 324 -10.43 7.26 -41.73
C THR D 324 -11.77 6.87 -41.10
N MET D 325 -12.58 6.16 -41.88
CA MET D 325 -13.89 5.70 -41.43
C MET D 325 -14.18 4.33 -42.03
N LYS D 326 -14.82 3.47 -41.25
CA LYS D 326 -15.09 2.10 -41.69
C LYS D 326 -16.58 1.85 -41.88
N LYS D 327 -17.42 2.36 -40.98
CA LYS D 327 -18.85 2.16 -41.10
C LYS D 327 -19.58 3.28 -40.37
N CYS D 328 -20.83 3.50 -40.75
CA CYS D 328 -21.66 4.53 -40.15
C CYS D 328 -22.37 4.00 -38.91
N ASP D 329 -22.98 4.91 -38.16
CA ASP D 329 -23.77 4.55 -37.01
C ASP D 329 -24.84 5.62 -36.78
N ASN D 335 -20.77 13.45 -31.87
CA ASN D 335 -19.76 12.92 -30.97
C ASN D 335 -18.40 13.41 -31.47
N TYR D 336 -17.38 13.38 -30.60
CA TYR D 336 -16.11 14.02 -30.90
C TYR D 336 -14.98 13.25 -30.27
N ALA D 337 -13.77 13.51 -30.76
CA ALA D 337 -12.54 12.95 -30.21
C ALA D 337 -11.60 14.09 -29.87
N ILE D 338 -10.72 13.84 -28.90
CA ILE D 338 -9.83 14.87 -28.38
C ILE D 338 -8.40 14.37 -28.48
N ILE D 339 -7.57 15.07 -29.26
CA ILE D 339 -6.17 14.72 -29.44
C ILE D 339 -5.34 15.71 -28.63
N LYS D 340 -4.68 15.22 -27.58
CA LYS D 340 -3.99 16.14 -26.69
C LYS D 340 -2.55 15.72 -26.41
N PRO D 341 -1.65 16.68 -26.27
CA PRO D 341 -0.28 16.35 -25.90
C PRO D 341 -0.17 16.01 -24.44
N ILE D 342 0.75 15.09 -24.14
CA ILE D 342 0.88 14.56 -22.78
C ILE D 342 1.65 15.56 -21.94
N GLY D 343 0.97 16.19 -21.00
CA GLY D 343 1.58 17.13 -20.10
C GLY D 343 1.28 18.59 -20.35
N PHE D 344 0.32 18.90 -21.19
CA PHE D 344 -0.04 20.28 -21.47
C PHE D 344 -1.45 20.53 -20.98
N ASN D 345 -1.78 21.80 -20.75
CA ASN D 345 -3.09 22.11 -20.21
C ASN D 345 -4.14 22.20 -21.30
N GLU D 346 -3.75 22.58 -22.50
CA GLU D 346 -4.67 22.75 -23.61
C GLU D 346 -4.73 21.49 -24.46
N THR D 347 -5.90 21.21 -25.00
CA THR D 347 -6.15 20.04 -25.84
C THR D 347 -6.57 20.51 -27.22
N ALA D 348 -6.99 19.57 -28.05
CA ALA D 348 -7.55 19.87 -29.37
C ALA D 348 -8.79 19.01 -29.58
N LYS D 349 -9.91 19.65 -29.85
CA LYS D 349 -11.19 18.97 -29.93
C LYS D 349 -11.56 18.76 -31.39
N ILE D 350 -11.71 17.51 -31.80
CA ILE D 350 -11.97 17.16 -33.19
C ILE D 350 -13.39 16.63 -33.28
N HIS D 351 -14.26 17.38 -33.92
CA HIS D 351 -15.62 16.93 -34.11
C HIS D 351 -15.73 16.10 -35.38
N ILE D 352 -16.68 15.17 -35.38
CA ILE D 352 -16.91 14.32 -36.54
C ILE D 352 -18.28 14.60 -37.13
#